data_6JG5
#
_entry.id   6JG5
#
_cell.length_a   115.302
_cell.length_b   219.429
_cell.length_c   33.494
_cell.angle_alpha   90.00
_cell.angle_beta   90.00
_cell.angle_gamma   90.00
#
_symmetry.space_group_name_H-M   'P 21 21 2'
#
loop_
_entity.id
_entity.type
_entity.pdbx_description
1 polymer 'AimR transcriptional regulator'
2 water water
#
_entity_poly.entity_id   1
_entity_poly.type   'polypeptide(L)'
_entity_poly.pdbx_seq_one_letter_code
;MMELIRIAMKKDLENDNSLMNKWATVAGLKNPNPLYDFLNHDGKTFNEFSSIVNIVKSQYPDREYELMKDYCLNLDVKTK
AARSALEYADANMFFEIEDVLIDSMISCSNMKSKEYGKVYKIHRELSNSVITEFEAVKRLGKLNIKTPEMNSFSRLLLLY
HYLSTGNFSPMAQLIKQIDLSEISENMYIRNTYQTRVHVLMSNIKLNENSLEECREYSKKALESTNILRFQVFSYLTIGN
SLLFSNYELAQENFLKGLSISVQNENYNMIFQQALCFLNNVWRKENKWINFESDSIMDLQEQAHCFINFNENSKAKEVLD
KLDLLVHNDNELAMHYYLKGRLEQNKACFYSSIEYFKKSNDKFLIRLPLLELQKMGENQKLLELLLLLEHHHHHH
;
_entity_poly.pdbx_strand_id   A,B
#
# COMPACT_ATOMS: atom_id res chain seq x y z
N MET A 2 41.30 -41.06 -4.94
CA MET A 2 41.34 -39.64 -4.64
C MET A 2 40.54 -38.82 -5.63
N GLU A 3 40.41 -37.53 -5.33
CA GLU A 3 39.78 -36.58 -6.24
C GLU A 3 40.81 -36.00 -7.19
N LEU A 4 40.35 -35.65 -8.39
CA LEU A 4 41.20 -34.97 -9.37
C LEU A 4 41.95 -33.83 -8.72
N ILE A 5 41.27 -33.00 -7.91
CA ILE A 5 41.93 -31.86 -7.27
C ILE A 5 43.06 -32.33 -6.36
N ARG A 6 42.90 -33.49 -5.74
CA ARG A 6 43.94 -33.92 -4.80
C ARG A 6 45.09 -34.58 -5.53
N ILE A 7 44.79 -35.42 -6.54
CA ILE A 7 45.83 -35.93 -7.42
C ILE A 7 46.71 -34.78 -7.93
N ALA A 8 46.07 -33.75 -8.50
CA ALA A 8 46.82 -32.64 -9.08
C ALA A 8 47.56 -31.83 -8.01
N MET A 9 47.00 -31.76 -6.79
CA MET A 9 47.69 -31.02 -5.74
C MET A 9 48.95 -31.75 -5.28
N LYS A 10 48.93 -33.09 -5.26
CA LYS A 10 50.12 -33.83 -4.87
C LYS A 10 51.20 -33.76 -5.94
N LYS A 11 50.81 -33.95 -7.21
CA LYS A 11 51.78 -33.91 -8.30
C LYS A 11 52.58 -32.60 -8.27
N ASP A 12 51.88 -31.47 -8.19
CA ASP A 12 52.58 -30.19 -8.12
C ASP A 12 53.26 -29.95 -6.78
N LEU A 13 52.95 -30.75 -5.75
CA LEU A 13 53.68 -30.64 -4.50
C LEU A 13 55.05 -31.28 -4.59
N GLU A 14 55.17 -32.37 -5.36
CA GLU A 14 56.47 -33.00 -5.59
C GLU A 14 57.45 -32.02 -6.24
N ASN A 15 56.97 -31.24 -7.20
CA ASN A 15 57.81 -30.33 -7.97
C ASN A 15 58.01 -28.98 -7.29
N ASP A 16 57.22 -28.67 -6.26
CA ASP A 16 57.36 -27.38 -5.57
C ASP A 16 56.83 -27.51 -4.16
N ASN A 17 57.70 -27.28 -3.17
CA ASN A 17 57.31 -27.40 -1.78
C ASN A 17 56.83 -26.10 -1.18
N SER A 18 57.33 -24.95 -1.66
CA SER A 18 56.86 -23.67 -1.14
C SER A 18 55.37 -23.50 -1.33
N LEU A 19 54.74 -24.33 -2.17
CA LEU A 19 53.30 -24.26 -2.39
C LEU A 19 52.50 -24.44 -1.10
N MET A 20 53.04 -25.21 -0.15
CA MET A 20 52.32 -25.48 1.08
C MET A 20 52.05 -24.20 1.86
N ASN A 21 53.07 -23.35 2.02
CA ASN A 21 52.85 -22.06 2.65
C ASN A 21 51.96 -21.17 1.78
N LYS A 22 52.12 -21.27 0.46
CA LYS A 22 51.27 -20.52 -0.46
C LYS A 22 49.81 -20.98 -0.34
N TRP A 23 49.59 -22.29 -0.40
CA TRP A 23 48.24 -22.83 -0.33
C TRP A 23 47.58 -22.56 1.01
N ALA A 24 48.37 -22.49 2.08
CA ALA A 24 47.78 -22.30 3.40
C ALA A 24 47.36 -20.85 3.63
N THR A 25 48.15 -19.90 3.13
CA THR A 25 47.77 -18.49 3.23
C THR A 25 46.57 -18.17 2.36
N VAL A 26 46.52 -18.76 1.17
CA VAL A 26 45.40 -18.53 0.24
C VAL A 26 44.09 -19.00 0.86
N ALA A 27 44.10 -20.20 1.44
CA ALA A 27 42.91 -20.79 2.06
C ALA A 27 42.63 -20.22 3.45
N GLY A 28 43.40 -19.24 3.89
CA GLY A 28 43.17 -18.61 5.19
C GLY A 28 43.31 -19.52 6.39
N LEU A 29 44.07 -20.60 6.27
CA LEU A 29 44.09 -21.64 7.31
C LEU A 29 44.76 -21.19 8.61
N LYS A 30 45.63 -20.17 8.55
CA LYS A 30 46.37 -19.63 9.69
C LYS A 30 47.34 -20.64 10.31
N ASN A 31 47.54 -21.81 9.68
CA ASN A 31 48.67 -22.72 9.82
C ASN A 31 48.35 -24.00 9.04
N PRO A 32 49.32 -24.59 8.36
CA PRO A 32 49.01 -25.54 7.28
C PRO A 32 48.62 -26.95 7.71
N ASN A 33 48.15 -27.16 8.93
CA ASN A 33 47.77 -28.50 9.34
C ASN A 33 46.55 -29.03 8.59
N PRO A 34 45.47 -28.25 8.42
CA PRO A 34 44.31 -28.78 7.68
C PRO A 34 44.63 -29.16 6.25
N LEU A 35 45.58 -28.47 5.61
CA LEU A 35 45.99 -28.82 4.26
C LEU A 35 46.55 -30.22 4.20
N TYR A 36 47.65 -30.47 4.95
CA TYR A 36 48.19 -31.81 5.08
C TYR A 36 47.08 -32.81 5.41
N ASP A 37 46.20 -32.44 6.33
CA ASP A 37 45.06 -33.27 6.67
C ASP A 37 44.18 -33.53 5.45
N PHE A 38 43.92 -32.48 4.66
CA PHE A 38 43.05 -32.62 3.50
C PHE A 38 43.61 -33.61 2.50
N LEU A 39 44.91 -33.56 2.25
CA LEU A 39 45.49 -34.33 1.15
C LEU A 39 45.74 -35.78 1.52
N ASN A 40 46.01 -36.07 2.79
CA ASN A 40 46.48 -37.41 3.15
C ASN A 40 45.36 -38.40 3.40
N HIS A 41 44.18 -37.95 3.82
CA HIS A 41 43.09 -38.85 4.19
C HIS A 41 41.85 -38.53 3.38
N ASP A 42 41.25 -39.56 2.77
CA ASP A 42 40.02 -39.37 2.00
C ASP A 42 38.92 -38.80 2.88
N GLY A 43 37.98 -38.10 2.25
CA GLY A 43 36.81 -37.60 2.93
C GLY A 43 37.04 -36.47 3.91
N LYS A 44 38.29 -36.10 4.19
CA LYS A 44 38.51 -34.96 5.06
C LYS A 44 38.11 -33.68 4.35
N THR A 45 37.33 -32.85 5.04
CA THR A 45 36.86 -31.58 4.50
C THR A 45 37.40 -30.44 5.36
N PHE A 46 37.60 -29.29 4.74
CA PHE A 46 37.87 -28.09 5.51
C PHE A 46 36.59 -27.67 6.24
N ASN A 47 36.74 -26.75 7.18
CA ASN A 47 35.55 -26.29 7.89
C ASN A 47 34.84 -25.16 7.16
N GLU A 48 35.56 -24.40 6.33
CA GLU A 48 34.98 -23.39 5.47
C GLU A 48 35.30 -23.73 4.03
N PHE A 49 34.29 -23.67 3.16
CA PHE A 49 34.46 -24.10 1.77
C PHE A 49 35.39 -23.17 0.99
N SER A 50 35.51 -21.90 1.40
CA SER A 50 36.39 -20.97 0.70
C SER A 50 37.85 -21.39 0.74
N SER A 51 38.19 -22.44 1.50
CA SER A 51 39.58 -22.89 1.54
C SER A 51 39.96 -23.64 0.27
N ILE A 52 39.06 -24.48 -0.26
CA ILE A 52 39.35 -25.15 -1.52
C ILE A 52 39.16 -24.19 -2.68
N VAL A 53 38.02 -23.49 -2.68
CA VAL A 53 37.69 -22.59 -3.79
C VAL A 53 38.83 -21.60 -4.02
N ASN A 54 39.30 -20.95 -2.95
CA ASN A 54 40.41 -20.00 -3.10
C ASN A 54 41.67 -20.69 -3.58
N ILE A 55 41.92 -21.92 -3.13
CA ILE A 55 43.08 -22.66 -3.60
C ILE A 55 42.93 -23.04 -5.06
N VAL A 56 41.75 -23.54 -5.43
CA VAL A 56 41.51 -23.90 -6.83
C VAL A 56 41.55 -22.67 -7.73
N LYS A 57 41.22 -21.50 -7.18
CA LYS A 57 41.29 -20.28 -7.96
C LYS A 57 42.73 -19.78 -8.11
N SER A 58 43.51 -19.81 -7.04
CA SER A 58 44.84 -19.22 -7.05
C SER A 58 45.84 -20.06 -7.84
N GLN A 59 45.57 -21.34 -8.03
CA GLN A 59 46.56 -22.26 -8.57
C GLN A 59 46.11 -23.03 -9.80
N TYR A 60 44.81 -23.29 -9.96
CA TYR A 60 44.30 -23.96 -11.15
C TYR A 60 43.11 -23.19 -11.72
N PRO A 61 43.27 -21.88 -11.95
CA PRO A 61 42.09 -21.07 -12.32
C PRO A 61 41.46 -21.49 -13.62
N ASP A 62 42.25 -21.96 -14.59
CA ASP A 62 41.73 -22.33 -15.89
C ASP A 62 40.93 -23.63 -15.88
N ARG A 63 40.95 -24.39 -14.78
CA ARG A 63 40.17 -25.62 -14.71
C ARG A 63 39.37 -25.68 -13.42
N GLU A 64 38.85 -24.52 -12.98
CA GLU A 64 37.96 -24.50 -11.81
C GLU A 64 36.79 -25.47 -11.99
N TYR A 65 36.07 -25.38 -13.11
CA TYR A 65 34.91 -26.25 -13.31
C TYR A 65 35.31 -27.71 -13.24
N GLU A 66 36.28 -28.12 -14.07
CA GLU A 66 36.71 -29.52 -14.12
C GLU A 66 36.97 -30.06 -12.72
N LEU A 67 37.78 -29.35 -11.93
CA LEU A 67 38.18 -29.85 -10.62
C LEU A 67 37.02 -29.83 -9.62
N MET A 68 36.24 -28.74 -9.61
CA MET A 68 35.12 -28.66 -8.66
C MET A 68 33.97 -29.59 -9.04
N LYS A 69 33.72 -29.82 -10.33
CA LYS A 69 32.69 -30.81 -10.69
C LYS A 69 33.08 -32.19 -10.19
N ASP A 70 34.38 -32.52 -10.20
CA ASP A 70 34.80 -33.83 -9.72
C ASP A 70 34.75 -33.90 -8.19
N TYR A 71 35.30 -32.88 -7.52
CA TYR A 71 35.33 -32.87 -6.06
C TYR A 71 33.92 -32.83 -5.47
N CYS A 72 33.09 -31.91 -5.95
CA CYS A 72 31.76 -31.72 -5.37
C CYS A 72 30.94 -32.99 -5.45
N LEU A 73 30.96 -33.65 -6.59
CA LEU A 73 30.19 -34.87 -6.77
C LEU A 73 30.84 -36.14 -6.17
N ASN A 74 31.91 -35.99 -5.38
CA ASN A 74 32.44 -37.08 -4.57
C ASN A 74 32.32 -36.77 -3.08
N LEU A 75 31.58 -35.71 -2.75
CA LEU A 75 31.45 -35.26 -1.39
C LEU A 75 30.26 -35.95 -0.75
N ASP A 76 30.44 -36.41 0.50
CA ASP A 76 29.33 -36.91 1.31
C ASP A 76 28.23 -35.85 1.43
N VAL A 77 27.04 -36.14 0.88
CA VAL A 77 26.00 -35.12 0.82
C VAL A 77 25.42 -34.78 2.19
N LYS A 78 25.83 -35.47 3.25
CA LYS A 78 25.36 -35.17 4.60
C LYS A 78 26.21 -34.12 5.32
N THR A 79 27.29 -33.64 4.70
CA THR A 79 28.25 -32.80 5.40
C THR A 79 28.00 -31.31 5.12
N LYS A 80 28.70 -30.48 5.88
CA LYS A 80 28.63 -29.03 5.70
C LYS A 80 29.27 -28.62 4.38
N ALA A 81 30.35 -29.31 4.00
CA ALA A 81 31.00 -29.01 2.73
C ALA A 81 30.07 -29.29 1.56
N ALA A 82 29.30 -30.37 1.64
CA ALA A 82 28.32 -30.63 0.59
C ALA A 82 27.26 -29.53 0.54
N ARG A 83 26.73 -29.15 1.71
CA ARG A 83 25.77 -28.05 1.72
C ARG A 83 26.38 -26.78 1.14
N SER A 84 27.67 -26.57 1.37
CA SER A 84 28.36 -25.44 0.77
C SER A 84 28.47 -25.61 -0.74
N ALA A 85 28.91 -26.78 -1.20
CA ALA A 85 29.00 -27.05 -2.63
C ALA A 85 27.67 -26.78 -3.35
N LEU A 86 26.54 -26.92 -2.65
CA LEU A 86 25.26 -26.64 -3.27
C LEU A 86 25.12 -25.16 -3.57
N GLU A 87 25.54 -24.30 -2.65
CA GLU A 87 25.52 -22.86 -2.89
C GLU A 87 26.59 -22.45 -3.89
N TYR A 88 27.78 -23.05 -3.78
CA TYR A 88 28.82 -22.84 -4.79
C TYR A 88 28.28 -23.10 -6.18
N ALA A 89 27.73 -24.29 -6.39
CA ALA A 89 27.17 -24.66 -7.69
C ALA A 89 26.09 -23.70 -8.13
N ASP A 90 25.18 -23.33 -7.23
CA ASP A 90 24.08 -22.49 -7.65
C ASP A 90 24.56 -21.11 -8.06
N ALA A 91 25.43 -20.50 -7.25
CA ALA A 91 25.88 -19.13 -7.48
C ALA A 91 26.67 -19.01 -8.77
N ASN A 92 27.44 -20.03 -9.11
CA ASN A 92 28.13 -20.14 -10.39
C ASN A 92 27.24 -20.62 -11.53
N MET A 93 25.97 -20.93 -11.25
CA MET A 93 25.07 -21.50 -12.26
C MET A 93 25.67 -22.76 -12.90
N PHE A 94 26.37 -23.56 -12.08
CA PHE A 94 26.84 -24.89 -12.49
C PHE A 94 25.72 -25.91 -12.23
N PHE A 95 24.70 -25.86 -13.09
CA PHE A 95 23.51 -26.66 -12.83
C PHE A 95 23.79 -28.16 -12.90
N GLU A 96 24.90 -28.55 -13.52
CA GLU A 96 25.26 -29.95 -13.53
C GLU A 96 25.68 -30.41 -12.14
N ILE A 97 26.52 -29.63 -11.48
CA ILE A 97 26.85 -29.90 -10.07
C ILE A 97 25.60 -29.75 -9.20
N GLU A 98 24.84 -28.66 -9.39
CA GLU A 98 23.76 -28.32 -8.48
C GLU A 98 22.62 -29.34 -8.52
N ASP A 99 22.16 -29.71 -9.72
CA ASP A 99 21.00 -30.59 -9.80
C ASP A 99 21.31 -32.01 -9.32
N VAL A 100 22.58 -32.42 -9.36
CA VAL A 100 22.95 -33.73 -8.83
C VAL A 100 22.97 -33.71 -7.30
N LEU A 101 23.56 -32.68 -6.71
CA LEU A 101 23.55 -32.55 -5.26
C LEU A 101 22.13 -32.50 -4.72
N ILE A 102 21.23 -31.78 -5.41
CA ILE A 102 19.86 -31.67 -4.92
C ILE A 102 19.20 -33.05 -4.85
N ASP A 103 19.36 -33.85 -5.91
CA ASP A 103 18.76 -35.17 -5.91
C ASP A 103 19.30 -36.03 -4.76
N SER A 104 20.61 -35.96 -4.52
CA SER A 104 21.21 -36.80 -3.49
C SER A 104 20.87 -36.30 -2.10
N MET A 105 20.76 -34.98 -1.94
CA MET A 105 20.49 -34.42 -0.63
C MET A 105 19.03 -34.65 -0.22
N ILE A 106 18.12 -34.71 -1.20
CA ILE A 106 16.71 -34.85 -0.86
C ILE A 106 16.38 -36.26 -0.41
N SER A 107 17.04 -37.27 -0.98
CA SER A 107 16.81 -38.65 -0.58
C SER A 107 17.75 -39.11 0.53
N CYS A 108 18.54 -38.20 1.11
CA CYS A 108 19.51 -38.58 2.12
C CYS A 108 18.92 -38.49 3.52
N SER A 109 19.67 -39.00 4.49
CA SER A 109 19.19 -39.18 5.86
C SER A 109 19.62 -38.06 6.80
N ASN A 110 20.29 -37.04 6.27
CA ASN A 110 20.65 -35.86 7.08
C ASN A 110 19.60 -34.79 6.80
N MET A 111 18.83 -34.42 7.80
CA MET A 111 17.70 -33.46 7.69
C MET A 111 18.14 -32.05 7.28
N LYS A 112 19.27 -31.58 7.74
CA LYS A 112 19.78 -30.25 7.34
C LYS A 112 20.08 -30.25 5.83
N SER A 113 20.75 -31.28 5.33
CA SER A 113 21.00 -31.36 3.89
C SER A 113 19.72 -31.51 3.12
N LYS A 114 18.78 -32.29 3.65
CA LYS A 114 17.48 -32.47 2.99
C LYS A 114 16.71 -31.16 2.90
N GLU A 115 16.87 -30.28 3.88
CA GLU A 115 16.17 -29.00 3.81
C GLU A 115 16.78 -28.10 2.74
N TYR A 116 18.11 -27.97 2.75
CA TYR A 116 18.82 -27.25 1.68
C TYR A 116 18.38 -27.75 0.32
N GLY A 117 18.36 -29.08 0.16
CA GLY A 117 18.02 -29.65 -1.12
C GLY A 117 16.61 -29.30 -1.56
N LYS A 118 15.66 -29.36 -0.63
CA LYS A 118 14.27 -29.16 -1.03
C LYS A 118 14.01 -27.72 -1.44
N VAL A 119 14.66 -26.75 -0.77
CA VAL A 119 14.35 -25.37 -1.14
C VAL A 119 15.14 -24.96 -2.39
N TYR A 120 16.37 -25.44 -2.57
CA TYR A 120 17.06 -25.19 -3.83
C TYR A 120 16.31 -25.84 -4.99
N LYS A 121 15.71 -27.01 -4.76
CA LYS A 121 14.87 -27.60 -5.79
C LYS A 121 13.67 -26.71 -6.10
N ILE A 122 13.11 -26.03 -5.09
CA ILE A 122 11.99 -25.12 -5.36
C ILE A 122 12.48 -23.95 -6.21
N HIS A 123 13.67 -23.44 -5.91
CA HIS A 123 14.24 -22.36 -6.71
C HIS A 123 14.44 -22.80 -8.15
N ARG A 124 14.92 -24.03 -8.35
CA ARG A 124 15.21 -24.49 -9.70
C ARG A 124 13.93 -24.72 -10.49
N GLU A 125 12.92 -25.32 -9.88
CA GLU A 125 11.66 -25.52 -10.59
C GLU A 125 10.95 -24.21 -10.88
N LEU A 126 11.02 -23.24 -9.95
CA LEU A 126 10.34 -21.96 -10.21
C LEU A 126 11.05 -21.19 -11.31
N SER A 127 12.39 -21.14 -11.28
CA SER A 127 13.14 -20.42 -12.30
C SER A 127 13.09 -21.12 -13.66
N ASN A 128 12.66 -22.37 -13.72
CA ASN A 128 12.37 -23.03 -15.00
C ASN A 128 10.88 -23.15 -15.28
N SER A 129 10.05 -22.39 -14.57
CA SER A 129 8.60 -22.32 -14.80
C SER A 129 7.94 -23.69 -14.74
N VAL A 130 8.50 -24.58 -13.91
CA VAL A 130 7.82 -25.85 -13.65
C VAL A 130 6.67 -25.64 -12.67
N ILE A 131 6.84 -24.76 -11.71
CA ILE A 131 5.78 -24.37 -10.78
C ILE A 131 5.57 -22.86 -10.90
N THR A 132 4.39 -22.44 -10.47
CA THR A 132 4.03 -21.03 -10.33
C THR A 132 4.60 -20.47 -9.03
N GLU A 133 4.61 -19.13 -8.95
CA GLU A 133 5.02 -18.47 -7.71
C GLU A 133 4.15 -18.93 -6.54
N PHE A 134 2.84 -19.07 -6.76
CA PHE A 134 1.94 -19.50 -5.69
C PHE A 134 2.31 -20.89 -5.19
N GLU A 135 2.59 -21.84 -6.09
CA GLU A 135 2.99 -23.17 -5.67
C GLU A 135 4.34 -23.16 -4.95
N ALA A 136 5.28 -22.35 -5.42
CA ALA A 136 6.57 -22.24 -4.74
C ALA A 136 6.40 -21.75 -3.31
N VAL A 137 5.55 -20.73 -3.13
CA VAL A 137 5.30 -20.17 -1.81
C VAL A 137 4.64 -21.22 -0.90
N LYS A 138 3.62 -21.90 -1.42
CA LYS A 138 2.93 -22.95 -0.68
C LYS A 138 3.91 -24.04 -0.26
N ARG A 139 4.73 -24.51 -1.20
CA ARG A 139 5.68 -25.57 -0.89
C ARG A 139 6.69 -25.14 0.18
N LEU A 140 7.13 -23.88 0.13
CA LEU A 140 8.10 -23.40 1.12
C LEU A 140 7.47 -23.33 2.51
N GLY A 141 6.22 -22.86 2.59
CA GLY A 141 5.49 -22.93 3.85
C GLY A 141 5.43 -24.35 4.39
N LYS A 142 5.02 -25.29 3.54
CA LYS A 142 4.87 -26.65 4.02
C LYS A 142 6.19 -27.27 4.44
N LEU A 143 7.31 -26.71 4.00
CA LEU A 143 8.61 -27.24 4.35
C LEU A 143 8.93 -27.09 5.83
N ASN A 144 8.37 -26.08 6.49
CA ASN A 144 8.73 -25.73 7.87
C ASN A 144 10.26 -25.59 8.02
N ILE A 145 10.75 -24.50 7.43
CA ILE A 145 12.19 -24.26 7.28
C ILE A 145 12.80 -23.86 8.62
N LYS A 146 13.92 -24.49 9.00
CA LYS A 146 14.56 -24.27 10.28
C LYS A 146 15.89 -23.53 10.22
N THR A 147 16.69 -23.73 9.17
CA THR A 147 18.00 -23.07 9.18
C THR A 147 17.86 -21.60 8.82
N PRO A 148 18.70 -20.73 9.42
CA PRO A 148 18.72 -19.34 8.94
C PRO A 148 19.20 -19.23 7.50
N GLU A 149 20.07 -20.15 7.05
CA GLU A 149 20.49 -20.15 5.65
C GLU A 149 19.29 -20.30 4.72
N MET A 150 18.44 -21.31 4.97
CA MET A 150 17.32 -21.53 4.07
C MET A 150 16.18 -20.54 4.28
N ASN A 151 16.04 -19.98 5.48
CA ASN A 151 15.09 -18.88 5.59
C ASN A 151 15.57 -17.68 4.79
N SER A 152 16.88 -17.54 4.61
CA SER A 152 17.40 -16.47 3.77
C SER A 152 17.20 -16.79 2.31
N PHE A 153 17.51 -18.03 1.91
CA PHE A 153 17.43 -18.36 0.50
C PHE A 153 16.00 -18.44 0.03
N SER A 154 15.08 -18.84 0.92
CA SER A 154 13.66 -18.86 0.57
C SER A 154 13.22 -17.50 0.09
N ARG A 155 13.84 -16.43 0.60
CA ARG A 155 13.51 -15.07 0.17
C ARG A 155 14.30 -14.68 -1.06
N LEU A 156 15.56 -15.12 -1.15
CA LEU A 156 16.34 -14.89 -2.36
C LEU A 156 15.65 -15.44 -3.61
N LEU A 157 15.18 -16.69 -3.55
CA LEU A 157 14.61 -17.31 -4.75
C LEU A 157 13.35 -16.59 -5.21
N LEU A 158 12.57 -16.05 -4.28
CA LEU A 158 11.42 -15.24 -4.68
C LEU A 158 11.88 -13.95 -5.33
N LEU A 159 12.92 -13.32 -4.77
CA LEU A 159 13.43 -12.07 -5.32
C LEU A 159 13.97 -12.28 -6.73
N TYR A 160 14.65 -13.39 -6.98
CA TYR A 160 15.10 -13.67 -8.34
C TYR A 160 13.90 -13.87 -9.26
N HIS A 161 12.82 -14.49 -8.75
CA HIS A 161 11.66 -14.69 -9.61
C HIS A 161 10.97 -13.37 -9.92
N TYR A 162 10.86 -12.49 -8.92
CA TYR A 162 10.26 -11.17 -9.14
C TYR A 162 11.06 -10.39 -10.20
N LEU A 163 12.38 -10.38 -10.07
CA LEU A 163 13.25 -9.72 -11.03
C LEU A 163 13.00 -10.23 -12.44
N SER A 164 13.08 -11.54 -12.62
CA SER A 164 12.99 -12.10 -13.97
C SER A 164 11.61 -11.90 -14.57
N THR A 165 10.56 -11.85 -13.74
CA THR A 165 9.21 -11.65 -14.26
C THR A 165 8.77 -10.18 -14.31
N GLY A 166 9.69 -9.23 -14.11
CA GLY A 166 9.33 -7.82 -14.18
C GLY A 166 8.27 -7.40 -13.18
N ASN A 167 8.24 -8.00 -12.00
CA ASN A 167 7.29 -7.68 -10.94
C ASN A 167 8.09 -7.05 -9.80
N PHE A 168 8.41 -5.77 -9.95
CA PHE A 168 9.41 -5.18 -9.07
C PHE A 168 8.84 -4.65 -7.76
N SER A 169 7.54 -4.33 -7.67
CA SER A 169 7.02 -3.71 -6.45
C SER A 169 7.31 -4.48 -5.16
N PRO A 170 7.22 -5.82 -5.09
CA PRO A 170 7.45 -6.49 -3.80
C PRO A 170 8.91 -6.57 -3.37
N MET A 171 9.87 -6.20 -4.21
CA MET A 171 11.25 -6.64 -3.98
C MET A 171 11.86 -5.94 -2.77
N ALA A 172 11.62 -4.63 -2.62
CA ALA A 172 12.30 -3.86 -1.57
C ALA A 172 11.88 -4.31 -0.18
N GLN A 173 10.57 -4.41 0.06
CA GLN A 173 10.10 -4.90 1.36
C GLN A 173 10.63 -6.31 1.64
N LEU A 174 10.64 -7.19 0.62
CA LEU A 174 11.07 -8.56 0.84
C LEU A 174 12.57 -8.66 1.08
N ILE A 175 13.36 -7.87 0.33
CA ILE A 175 14.80 -7.97 0.54
C ILE A 175 15.17 -7.46 1.94
N LYS A 176 14.40 -6.51 2.48
CA LYS A 176 14.67 -5.98 3.81
C LYS A 176 14.44 -7.01 4.91
N GLN A 177 13.65 -8.06 4.68
CA GLN A 177 13.45 -9.10 5.68
C GLN A 177 14.65 -10.04 5.82
N ILE A 178 15.61 -9.98 4.91
CA ILE A 178 16.76 -10.89 4.98
C ILE A 178 17.73 -10.35 6.01
N ASP A 179 18.16 -11.21 6.93
CA ASP A 179 19.13 -10.83 7.96
C ASP A 179 20.27 -11.84 7.95
N LEU A 180 21.31 -11.53 7.16
CA LEU A 180 22.42 -12.46 6.97
C LEU A 180 23.18 -12.74 8.27
N SER A 181 23.15 -11.81 9.24
CA SER A 181 23.91 -12.03 10.48
C SER A 181 23.41 -13.26 11.24
N GLU A 182 22.15 -13.64 11.07
CA GLU A 182 21.64 -14.86 11.68
C GLU A 182 22.35 -16.10 11.16
N ILE A 183 23.09 -16.00 10.06
CA ILE A 183 23.94 -17.08 9.56
C ILE A 183 25.28 -16.98 10.26
N SER A 184 25.65 -18.04 11.01
CA SER A 184 26.84 -18.00 11.85
C SER A 184 27.70 -19.24 11.75
N GLU A 185 27.19 -20.35 11.22
CA GLU A 185 27.95 -21.59 11.15
C GLU A 185 28.62 -21.82 9.81
N ASN A 186 28.04 -21.35 8.71
CA ASN A 186 28.63 -21.58 7.38
C ASN A 186 28.98 -20.22 6.78
N MET A 187 30.26 -19.84 6.91
CA MET A 187 30.67 -18.50 6.49
C MET A 187 30.68 -18.36 4.97
N TYR A 188 31.02 -19.43 4.26
CA TYR A 188 30.98 -19.37 2.80
C TYR A 188 29.58 -18.99 2.32
N ILE A 189 28.55 -19.57 2.93
CA ILE A 189 27.19 -19.24 2.53
C ILE A 189 26.84 -17.83 2.98
N ARG A 190 27.28 -17.42 4.18
CA ARG A 190 27.09 -16.03 4.57
C ARG A 190 27.75 -15.09 3.57
N ASN A 191 28.94 -15.44 3.09
CA ASN A 191 29.68 -14.53 2.24
C ASN A 191 29.12 -14.48 0.83
N THR A 192 28.70 -15.62 0.26
CA THR A 192 28.10 -15.53 -1.07
C THR A 192 26.71 -14.90 -1.01
N TYR A 193 25.91 -15.25 0.00
CA TYR A 193 24.59 -14.63 0.13
C TYR A 193 24.71 -13.13 0.25
N GLN A 194 25.77 -12.65 0.90
CA GLN A 194 26.00 -11.22 0.99
C GLN A 194 26.20 -10.63 -0.39
N THR A 195 26.99 -11.31 -1.23
CA THR A 195 27.18 -10.84 -2.60
C THR A 195 25.87 -10.85 -3.37
N ARG A 196 25.07 -11.92 -3.20
CA ARG A 196 23.75 -11.96 -3.83
C ARG A 196 22.94 -10.73 -3.48
N VAL A 197 22.93 -10.39 -2.18
CA VAL A 197 22.10 -9.27 -1.73
C VAL A 197 22.63 -7.96 -2.30
N HIS A 198 23.95 -7.86 -2.50
CA HIS A 198 24.52 -6.66 -3.10
C HIS A 198 24.05 -6.49 -4.53
N VAL A 199 24.18 -7.54 -5.34
CA VAL A 199 23.72 -7.46 -6.74
C VAL A 199 22.23 -7.13 -6.77
N LEU A 200 21.45 -7.80 -5.91
CA LEU A 200 20.00 -7.61 -5.97
C LEU A 200 19.61 -6.19 -5.54
N MET A 201 20.22 -5.67 -4.48
CA MET A 201 19.96 -4.29 -4.09
C MET A 201 20.30 -3.34 -5.22
N SER A 202 21.44 -3.58 -5.88
CA SER A 202 21.83 -2.75 -7.02
C SER A 202 20.73 -2.72 -8.08
N ASN A 203 20.15 -3.88 -8.38
CA ASN A 203 19.07 -3.95 -9.37
C ASN A 203 17.81 -3.28 -8.85
N ILE A 204 17.50 -3.46 -7.56
CA ILE A 204 16.35 -2.77 -6.97
C ILE A 204 16.52 -1.27 -7.08
N LYS A 205 17.74 -0.78 -6.85
CA LYS A 205 18.01 0.66 -6.98
C LYS A 205 17.87 1.11 -8.44
N LEU A 206 18.39 0.31 -9.37
CA LEU A 206 18.24 0.63 -10.79
C LEU A 206 16.78 0.85 -11.14
N ASN A 207 15.94 -0.12 -10.83
CA ASN A 207 14.51 -0.01 -11.15
C ASN A 207 13.81 1.11 -10.40
N GLU A 208 14.38 1.59 -9.29
CA GLU A 208 13.87 2.77 -8.58
C GLU A 208 14.40 4.07 -9.16
N ASN A 209 15.25 4.01 -10.19
CA ASN A 209 15.87 5.18 -10.82
C ASN A 209 16.72 5.92 -9.81
N SER A 210 17.38 5.18 -8.93
CA SER A 210 18.30 5.69 -7.92
C SER A 210 19.68 5.23 -8.33
N LEU A 211 20.23 5.91 -9.35
CA LEU A 211 21.33 5.35 -10.13
C LEU A 211 22.66 5.39 -9.41
N GLU A 212 22.95 6.47 -8.66
CA GLU A 212 24.19 6.51 -7.88
C GLU A 212 24.24 5.39 -6.87
N GLU A 213 23.17 5.26 -6.06
CA GLU A 213 23.13 4.17 -5.09
C GLU A 213 23.16 2.81 -5.79
N CYS A 214 22.53 2.71 -6.97
CA CYS A 214 22.68 1.52 -7.80
C CYS A 214 24.15 1.17 -8.00
N ARG A 215 24.94 2.14 -8.49
CA ARG A 215 26.33 1.86 -8.79
C ARG A 215 27.14 1.53 -7.53
N GLU A 216 26.82 2.15 -6.39
CA GLU A 216 27.53 1.82 -5.15
C GLU A 216 27.32 0.36 -4.77
N TYR A 217 26.10 -0.14 -4.88
CA TYR A 217 25.88 -1.51 -4.46
C TYR A 217 26.58 -2.49 -5.38
N SER A 218 26.60 -2.19 -6.68
CA SER A 218 27.36 -3.05 -7.61
C SER A 218 28.86 -2.98 -7.35
N LYS A 219 29.37 -1.80 -6.98
CA LYS A 219 30.76 -1.70 -6.59
C LYS A 219 31.02 -2.54 -5.34
N LYS A 220 30.11 -2.48 -4.35
CA LYS A 220 30.28 -3.31 -3.17
C LYS A 220 30.24 -4.78 -3.53
N ALA A 221 29.39 -5.15 -4.48
CA ALA A 221 29.31 -6.54 -4.91
C ALA A 221 30.62 -7.00 -5.54
N LEU A 222 31.21 -6.17 -6.40
CA LEU A 222 32.46 -6.55 -7.05
C LEU A 222 33.58 -6.75 -6.03
N GLU A 223 33.76 -5.78 -5.14
CA GLU A 223 34.75 -5.87 -4.07
C GLU A 223 34.52 -7.08 -3.15
N SER A 224 33.29 -7.58 -3.04
CA SER A 224 33.00 -8.65 -2.09
C SER A 224 33.10 -10.05 -2.68
N THR A 225 33.51 -10.20 -3.94
CA THR A 225 33.39 -11.52 -4.54
C THR A 225 34.58 -11.83 -5.46
N ASN A 226 34.76 -13.14 -5.71
CA ASN A 226 35.62 -13.65 -6.78
C ASN A 226 34.88 -14.64 -7.67
N ILE A 227 33.56 -14.59 -7.68
CA ILE A 227 32.71 -15.46 -8.48
C ILE A 227 32.35 -14.74 -9.78
N LEU A 228 32.58 -15.42 -10.92
CA LEU A 228 32.43 -14.76 -12.22
C LEU A 228 30.98 -14.34 -12.47
N ARG A 229 30.03 -15.20 -12.11
CA ARG A 229 28.62 -14.85 -12.29
C ARG A 229 28.28 -13.50 -11.67
N PHE A 230 28.85 -13.21 -10.50
CA PHE A 230 28.49 -11.98 -9.80
C PHE A 230 29.23 -10.78 -10.36
N GLN A 231 30.47 -10.97 -10.84
CA GLN A 231 31.12 -9.89 -11.56
C GLN A 231 30.37 -9.57 -12.85
N VAL A 232 29.89 -10.60 -13.55
CA VAL A 232 29.15 -10.38 -14.79
C VAL A 232 27.95 -9.47 -14.53
N PHE A 233 27.09 -9.86 -13.59
CA PHE A 233 25.86 -9.12 -13.36
C PHE A 233 26.12 -7.75 -12.70
N SER A 234 27.24 -7.59 -12.01
CA SER A 234 27.61 -6.28 -11.49
C SER A 234 27.99 -5.30 -12.61
N TYR A 235 28.85 -5.73 -13.54
CA TYR A 235 29.20 -4.83 -14.65
C TYR A 235 27.97 -4.55 -15.50
N LEU A 236 27.12 -5.55 -15.69
CA LEU A 236 25.88 -5.36 -16.43
C LEU A 236 25.02 -4.29 -15.77
N THR A 237 24.87 -4.36 -14.46
CA THR A 237 23.98 -3.40 -13.80
C THR A 237 24.58 -2.01 -13.78
N ILE A 238 25.91 -1.91 -13.60
CA ILE A 238 26.57 -0.60 -13.67
C ILE A 238 26.40 -0.02 -15.07
N GLY A 239 26.68 -0.82 -16.09
CA GLY A 239 26.46 -0.38 -17.45
C GLY A 239 25.05 0.10 -17.67
N ASN A 240 24.06 -0.67 -17.21
CA ASN A 240 22.67 -0.31 -17.44
C ASN A 240 22.26 0.97 -16.72
N SER A 241 22.87 1.27 -15.55
CA SER A 241 22.60 2.52 -14.84
C SER A 241 23.05 3.74 -15.61
N LEU A 242 23.94 3.57 -16.60
CA LEU A 242 24.43 4.69 -17.41
C LEU A 242 23.73 4.78 -18.75
N LEU A 243 22.75 3.91 -19.01
CA LEU A 243 22.06 3.83 -20.30
C LEU A 243 21.64 5.19 -20.82
N PHE A 244 20.99 6.00 -19.98
CA PHE A 244 20.44 7.28 -20.42
C PHE A 244 21.37 8.46 -20.20
N SER A 245 22.61 8.23 -19.75
CA SER A 245 23.44 9.39 -19.43
C SER A 245 24.82 9.36 -20.07
N ASN A 246 25.48 8.20 -20.08
CA ASN A 246 26.89 8.14 -20.49
C ASN A 246 27.10 6.93 -21.39
N TYR A 247 27.05 7.17 -22.71
CA TYR A 247 27.13 6.09 -23.67
C TYR A 247 28.46 5.34 -23.57
N GLU A 248 29.57 6.08 -23.53
CA GLU A 248 30.88 5.44 -23.56
C GLU A 248 31.18 4.71 -22.26
N LEU A 249 30.77 5.27 -21.12
CA LEU A 249 31.02 4.58 -19.86
C LEU A 249 30.11 3.36 -19.71
N ALA A 250 28.87 3.45 -20.20
CA ALA A 250 28.01 2.26 -20.27
C ALA A 250 28.67 1.16 -21.09
N GLN A 251 29.05 1.50 -22.33
CA GLN A 251 29.73 0.56 -23.22
C GLN A 251 30.98 -0.01 -22.58
N GLU A 252 31.78 0.84 -21.93
CA GLU A 252 32.98 0.38 -21.22
C GLU A 252 32.67 -0.67 -20.13
N ASN A 253 31.58 -0.49 -19.39
CA ASN A 253 31.26 -1.54 -18.41
C ASN A 253 30.80 -2.84 -19.08
N PHE A 254 30.03 -2.72 -20.16
CA PHE A 254 29.62 -3.92 -20.89
C PHE A 254 30.82 -4.64 -21.48
N LEU A 255 31.78 -3.87 -22.02
CA LEU A 255 32.98 -4.45 -22.59
C LEU A 255 33.94 -4.96 -21.51
N LYS A 256 33.95 -4.32 -20.35
CA LYS A 256 34.71 -4.90 -19.25
C LYS A 256 34.10 -6.24 -18.83
N GLY A 257 32.77 -6.30 -18.69
CA GLY A 257 32.12 -7.58 -18.39
C GLY A 257 32.34 -8.63 -19.46
N LEU A 258 32.34 -8.20 -20.72
CA LEU A 258 32.66 -9.09 -21.83
C LEU A 258 34.09 -9.62 -21.74
N SER A 259 35.03 -8.78 -21.30
CA SER A 259 36.44 -9.19 -21.32
C SER A 259 36.70 -10.36 -20.39
N ILE A 260 35.90 -10.53 -19.33
CA ILE A 260 36.10 -11.65 -18.42
C ILE A 260 35.16 -12.82 -18.69
N SER A 261 34.28 -12.71 -19.69
CA SER A 261 33.22 -13.69 -19.82
C SER A 261 32.84 -14.06 -21.25
N VAL A 262 33.52 -13.52 -22.28
CA VAL A 262 33.17 -13.79 -23.69
C VAL A 262 33.18 -15.28 -23.98
N GLN A 263 34.09 -16.03 -23.35
CA GLN A 263 34.18 -17.46 -23.62
C GLN A 263 32.86 -18.20 -23.35
N ASN A 264 32.05 -17.71 -22.42
CA ASN A 264 30.84 -18.40 -22.00
C ASN A 264 29.70 -17.93 -22.89
N GLU A 265 28.95 -18.89 -23.44
CA GLU A 265 27.93 -18.54 -24.43
C GLU A 265 26.82 -17.69 -23.81
N ASN A 266 26.39 -18.06 -22.61
CA ASN A 266 25.31 -17.32 -21.95
C ASN A 266 25.75 -15.89 -21.63
N TYR A 267 26.93 -15.73 -21.03
CA TYR A 267 27.41 -14.40 -20.67
C TYR A 267 27.70 -13.57 -21.92
N ASN A 268 28.21 -14.22 -22.97
CA ASN A 268 28.43 -13.55 -24.25
C ASN A 268 27.12 -12.93 -24.75
N MET A 269 26.04 -13.69 -24.70
CA MET A 269 24.76 -13.20 -25.19
C MET A 269 24.21 -12.07 -24.32
N ILE A 270 24.43 -12.14 -23.01
CA ILE A 270 23.81 -11.15 -22.12
C ILE A 270 24.43 -9.77 -22.33
N PHE A 271 25.74 -9.71 -22.59
CA PHE A 271 26.34 -8.43 -22.91
C PHE A 271 26.06 -8.00 -24.34
N GLN A 272 25.89 -8.95 -25.27
CA GLN A 272 25.45 -8.55 -26.60
C GLN A 272 24.12 -7.81 -26.53
N GLN A 273 23.19 -8.31 -25.70
CA GLN A 273 21.85 -7.73 -25.59
C GLN A 273 21.90 -6.38 -24.88
N ALA A 274 22.78 -6.23 -23.89
CA ALA A 274 22.87 -4.95 -23.20
C ALA A 274 23.44 -3.91 -24.14
N LEU A 275 24.46 -4.28 -24.94
CA LEU A 275 25.02 -3.39 -25.96
C LEU A 275 24.02 -3.06 -27.06
N CYS A 276 23.17 -4.03 -27.41
CA CYS A 276 22.18 -3.78 -28.46
C CYS A 276 21.16 -2.75 -27.99
N PHE A 277 20.66 -2.91 -26.77
CA PHE A 277 19.72 -1.95 -26.22
C PHE A 277 20.37 -0.58 -26.03
N LEU A 278 21.61 -0.55 -25.55
CA LEU A 278 22.34 0.72 -25.46
C LEU A 278 22.33 1.48 -26.78
N ASN A 279 22.74 0.83 -27.86
CA ASN A 279 22.85 1.57 -29.12
C ASN A 279 21.49 1.95 -29.68
N ASN A 280 20.43 1.24 -29.31
CA ASN A 280 19.09 1.62 -29.75
C ASN A 280 18.58 2.83 -28.99
N VAL A 281 18.87 2.92 -27.69
CA VAL A 281 18.47 4.08 -26.91
C VAL A 281 19.12 5.34 -27.47
N TRP A 282 20.39 5.25 -27.83
CA TRP A 282 21.14 6.36 -28.39
C TRP A 282 20.91 6.51 -29.88
N ARG A 283 20.04 5.69 -30.48
CA ARG A 283 19.67 5.79 -31.88
C ARG A 283 20.87 5.74 -32.80
N LYS A 284 21.88 4.95 -32.43
CA LYS A 284 23.05 4.73 -33.28
C LYS A 284 22.87 3.49 -34.17
N GLU A 285 23.77 3.36 -35.15
CA GLU A 285 23.89 2.12 -35.88
C GLU A 285 24.23 1.02 -34.90
N ASN A 286 23.68 -0.16 -35.15
CA ASN A 286 23.59 -1.18 -34.12
C ASN A 286 24.10 -2.48 -34.73
N LYS A 287 25.33 -2.84 -34.43
CA LYS A 287 25.91 -4.11 -34.92
C LYS A 287 25.61 -5.26 -33.95
N TRP A 288 24.75 -5.03 -32.98
CA TRP A 288 24.50 -6.02 -31.94
C TRP A 288 23.17 -6.74 -32.07
N ILE A 289 22.35 -6.40 -33.05
CA ILE A 289 21.03 -7.01 -33.18
C ILE A 289 21.17 -8.48 -33.54
N ASN A 290 20.33 -9.31 -32.93
CA ASN A 290 20.23 -10.73 -33.25
C ASN A 290 19.00 -10.94 -34.15
N PHE A 291 19.23 -11.00 -35.45
CA PHE A 291 18.15 -11.22 -36.40
C PHE A 291 17.68 -12.67 -36.48
N GLU A 292 18.31 -13.59 -35.74
CA GLU A 292 17.94 -14.99 -35.82
C GLU A 292 17.42 -15.41 -34.46
N SER A 293 16.34 -14.77 -34.00
CA SER A 293 15.85 -15.03 -32.67
C SER A 293 14.36 -14.75 -32.65
N ASP A 294 13.63 -15.53 -31.87
CA ASP A 294 12.24 -15.21 -31.60
C ASP A 294 11.99 -14.93 -30.12
N SER A 295 13.01 -14.47 -29.39
CA SER A 295 12.73 -14.03 -28.03
C SER A 295 12.20 -12.60 -28.06
N ILE A 296 11.37 -12.28 -27.06
CA ILE A 296 10.75 -10.96 -27.03
C ILE A 296 11.82 -9.87 -27.01
N MET A 297 12.84 -10.05 -26.17
CA MET A 297 13.89 -9.04 -26.05
C MET A 297 14.53 -8.73 -27.40
N ASP A 298 14.94 -9.78 -28.12
CA ASP A 298 15.66 -9.58 -29.39
C ASP A 298 14.75 -9.00 -30.45
N LEU A 299 13.50 -9.47 -30.55
CA LEU A 299 12.58 -8.91 -31.53
C LEU A 299 12.29 -7.45 -31.22
N GLN A 300 12.11 -7.12 -29.95
CA GLN A 300 11.90 -5.71 -29.59
C GLN A 300 13.05 -4.84 -30.08
N GLU A 301 14.29 -5.30 -29.93
CA GLU A 301 15.43 -4.52 -30.37
C GLU A 301 15.48 -4.41 -31.90
N GLN A 302 15.08 -5.46 -32.63
CA GLN A 302 14.92 -5.31 -34.07
C GLN A 302 13.97 -4.17 -34.40
N ALA A 303 12.77 -4.21 -33.81
CA ALA A 303 11.77 -3.17 -34.05
C ALA A 303 12.29 -1.80 -33.61
N HIS A 304 12.90 -1.71 -32.43
CA HIS A 304 13.44 -0.43 -31.95
C HIS A 304 14.42 0.15 -32.96
N CYS A 305 15.34 -0.69 -33.48
CA CYS A 305 16.29 -0.20 -34.48
C CYS A 305 15.59 0.23 -35.76
N PHE A 306 14.74 -0.64 -36.33
CA PHE A 306 13.99 -0.26 -37.53
C PHE A 306 13.26 1.06 -37.34
N ILE A 307 12.67 1.28 -36.15
CA ILE A 307 11.95 2.53 -35.89
C ILE A 307 12.91 3.72 -35.88
N ASN A 308 14.10 3.54 -35.33
CA ASN A 308 15.09 4.62 -35.26
C ASN A 308 15.52 5.06 -36.67
N PHE A 309 15.57 4.12 -37.60
CA PHE A 309 16.02 4.40 -38.98
C PHE A 309 14.86 4.59 -39.97
N ASN A 310 13.64 4.83 -39.50
CA ASN A 310 12.46 5.10 -40.35
C ASN A 310 12.02 3.92 -41.21
N GLU A 311 12.39 2.71 -40.85
CA GLU A 311 11.98 1.52 -41.61
C GLU A 311 10.65 1.06 -40.97
N ASN A 312 9.59 1.79 -41.23
CA ASN A 312 8.30 1.57 -40.54
C ASN A 312 7.64 0.24 -40.91
N SER A 313 7.67 -0.21 -42.15
CA SER A 313 7.01 -1.50 -42.44
C SER A 313 7.80 -2.67 -41.86
N LYS A 314 9.11 -2.62 -41.91
CA LYS A 314 9.92 -3.65 -41.27
C LYS A 314 9.67 -3.66 -39.77
N ALA A 315 9.58 -2.47 -39.16
CA ALA A 315 9.20 -2.38 -37.75
C ALA A 315 7.82 -2.95 -37.51
N LYS A 316 6.84 -2.53 -38.30
CA LYS A 316 5.49 -3.07 -38.14
C LYS A 316 5.49 -4.58 -38.29
N GLU A 317 6.26 -5.11 -39.26
CA GLU A 317 6.35 -6.55 -39.44
C GLU A 317 6.85 -7.26 -38.18
N VAL A 318 7.90 -6.72 -37.54
CA VAL A 318 8.40 -7.29 -36.29
C VAL A 318 7.35 -7.22 -35.18
N LEU A 319 6.69 -6.06 -35.05
CA LEU A 319 5.70 -5.91 -33.99
C LEU A 319 4.47 -6.79 -34.23
N ASP A 320 4.14 -7.12 -35.48
CA ASP A 320 3.10 -8.10 -35.75
C ASP A 320 3.47 -9.46 -35.14
N LYS A 321 4.76 -9.85 -35.24
CA LYS A 321 5.20 -11.09 -34.59
C LYS A 321 5.07 -11.00 -33.08
N LEU A 322 5.47 -9.85 -32.50
CA LEU A 322 5.42 -9.70 -31.05
C LEU A 322 3.99 -9.75 -30.52
N ASP A 323 3.02 -9.20 -31.27
CA ASP A 323 1.63 -9.22 -30.80
C ASP A 323 1.17 -10.64 -30.46
N LEU A 324 1.71 -11.65 -31.15
CA LEU A 324 1.33 -13.04 -30.97
C LEU A 324 2.21 -13.79 -29.95
N LEU A 325 2.91 -13.08 -29.07
CA LEU A 325 3.73 -13.70 -28.04
C LEU A 325 3.25 -13.19 -26.69
N VAL A 326 3.32 -14.04 -25.67
CA VAL A 326 2.84 -13.64 -24.36
C VAL A 326 3.89 -12.78 -23.68
N HIS A 327 3.45 -11.63 -23.13
CA HIS A 327 4.33 -10.67 -22.48
C HIS A 327 4.06 -10.62 -20.98
N ASN A 328 5.13 -10.45 -20.18
CA ASN A 328 4.93 -10.01 -18.80
C ASN A 328 4.71 -8.49 -18.78
N ASP A 329 4.52 -7.92 -17.59
CA ASP A 329 4.12 -6.51 -17.50
C ASP A 329 5.24 -5.58 -17.96
N ASN A 330 6.49 -5.88 -17.59
CA ASN A 330 7.60 -5.03 -18.03
C ASN A 330 7.81 -5.14 -19.53
N GLU A 331 7.66 -6.34 -20.11
CA GLU A 331 7.80 -6.51 -21.55
C GLU A 331 6.69 -5.80 -22.30
N LEU A 332 5.45 -5.87 -21.78
CA LEU A 332 4.33 -5.20 -22.44
C LEU A 332 4.49 -3.67 -22.42
N ALA A 333 5.06 -3.14 -21.33
CA ALA A 333 5.33 -1.70 -21.29
C ALA A 333 6.22 -1.26 -22.44
N MET A 334 7.31 -2.02 -22.69
CA MET A 334 8.19 -1.72 -23.79
C MET A 334 7.49 -1.92 -25.12
N HIS A 335 6.66 -2.96 -25.21
CA HIS A 335 5.88 -3.18 -26.42
C HIS A 335 5.04 -1.96 -26.79
N TYR A 336 4.27 -1.43 -25.84
CA TYR A 336 3.46 -0.25 -26.16
C TYR A 336 4.32 0.98 -26.45
N TYR A 337 5.49 1.10 -25.79
CA TYR A 337 6.38 2.21 -26.13
C TYR A 337 6.81 2.15 -27.58
N LEU A 338 7.09 0.94 -28.08
CA LEU A 338 7.53 0.80 -29.47
C LEU A 338 6.39 1.13 -30.42
N LYS A 339 5.18 0.71 -30.04
CA LYS A 339 3.99 1.02 -30.83
C LYS A 339 3.75 2.51 -30.88
N GLY A 340 3.85 3.18 -29.73
CA GLY A 340 3.64 4.62 -29.72
C GLY A 340 4.60 5.35 -30.62
N ARG A 341 5.86 4.92 -30.64
CA ARG A 341 6.82 5.54 -31.57
C ARG A 341 6.47 5.23 -33.03
N LEU A 342 6.06 4.00 -33.32
CA LEU A 342 5.75 3.65 -34.71
C LEU A 342 4.52 4.40 -35.22
N GLU A 343 3.47 4.45 -34.42
CA GLU A 343 2.23 5.07 -34.85
C GLU A 343 2.15 6.56 -34.52
N GLN A 344 3.11 7.09 -33.79
CA GLN A 344 3.03 8.46 -33.25
C GLN A 344 1.69 8.68 -32.55
N ASN A 345 1.40 7.78 -31.60
CA ASN A 345 0.11 7.68 -30.95
C ASN A 345 0.29 7.78 -29.44
N LYS A 346 -0.22 8.88 -28.85
CA LYS A 346 -0.02 9.14 -27.43
C LYS A 346 -0.67 8.08 -26.56
N ALA A 347 -1.79 7.51 -27.01
CA ALA A 347 -2.49 6.51 -26.18
C ALA A 347 -1.62 5.28 -25.93
N CYS A 348 -0.82 4.89 -26.93
CA CYS A 348 0.06 3.74 -26.73
C CYS A 348 1.17 4.11 -25.73
N PHE A 349 1.64 5.37 -25.75
CA PHE A 349 2.61 5.82 -24.74
C PHE A 349 1.98 5.81 -23.34
N TYR A 350 0.69 6.14 -23.24
CA TYR A 350 0.01 6.08 -21.95
C TYR A 350 -0.17 4.64 -21.47
N SER A 351 -0.41 3.70 -22.39
CA SER A 351 -0.47 2.29 -22.00
C SER A 351 0.91 1.78 -21.58
N SER A 352 1.98 2.30 -22.19
CA SER A 352 3.32 1.92 -21.76
C SER A 352 3.58 2.34 -20.32
N ILE A 353 3.22 3.59 -20.00
CA ILE A 353 3.37 4.09 -18.63
C ILE A 353 2.57 3.23 -17.67
N GLU A 354 1.33 2.92 -18.04
CA GLU A 354 0.49 2.05 -17.19
C GLU A 354 1.22 0.78 -16.80
N TYR A 355 1.85 0.10 -17.76
CA TYR A 355 2.49 -1.16 -17.41
C TYR A 355 3.85 -0.97 -16.77
N PHE A 356 4.56 0.12 -17.06
CA PHE A 356 5.75 0.42 -16.25
C PHE A 356 5.38 0.69 -14.78
N LYS A 357 4.24 1.35 -14.54
CA LYS A 357 3.79 1.53 -13.16
C LYS A 357 3.45 0.20 -12.50
N LYS A 358 2.75 -0.68 -13.24
CA LYS A 358 2.39 -1.98 -12.68
C LYS A 358 3.62 -2.79 -12.31
N SER A 359 4.61 -2.84 -13.18
CA SER A 359 5.87 -3.51 -12.85
C SER A 359 6.70 -2.72 -11.86
N ASN A 360 6.36 -1.46 -11.59
CA ASN A 360 7.10 -0.59 -10.67
C ASN A 360 8.51 -0.35 -11.19
N ASP A 361 8.60 -0.02 -12.48
CA ASP A 361 9.85 0.30 -13.15
C ASP A 361 9.89 1.83 -13.36
N LYS A 362 10.66 2.52 -12.51
CA LYS A 362 10.83 3.97 -12.58
C LYS A 362 12.02 4.37 -13.46
N PHE A 363 12.69 3.39 -14.05
CA PHE A 363 13.86 3.64 -14.87
C PHE A 363 13.48 3.67 -16.34
N LEU A 364 12.99 2.54 -16.88
CA LEU A 364 12.65 2.47 -18.30
C LEU A 364 11.46 3.34 -18.65
N ILE A 365 10.63 3.69 -17.67
CA ILE A 365 9.52 4.58 -17.92
C ILE A 365 9.98 5.94 -18.43
N ARG A 366 11.27 6.28 -18.27
CA ARG A 366 11.78 7.52 -18.83
C ARG A 366 11.66 7.57 -20.35
N LEU A 367 11.48 6.40 -21.00
CA LEU A 367 11.38 6.39 -22.46
C LEU A 367 10.03 6.91 -22.93
N PRO A 368 8.87 6.33 -22.52
CA PRO A 368 7.60 6.95 -22.92
C PRO A 368 7.45 8.39 -22.42
N LEU A 369 8.01 8.73 -21.27
CA LEU A 369 7.87 10.10 -20.76
C LEU A 369 8.52 11.10 -21.68
N LEU A 370 9.71 10.77 -22.17
CA LEU A 370 10.39 11.57 -23.16
C LEU A 370 9.54 11.76 -24.42
N GLU A 371 9.00 10.67 -24.97
CA GLU A 371 8.22 10.79 -26.20
C GLU A 371 6.97 11.65 -26.00
N LEU A 372 6.28 11.48 -24.88
CA LEU A 372 5.14 12.35 -24.61
C LEU A 372 5.58 13.81 -24.49
N GLN A 373 6.77 14.05 -23.93
CA GLN A 373 7.30 15.41 -23.86
C GLN A 373 7.53 15.98 -25.25
N LYS A 374 8.17 15.22 -26.14
CA LYS A 374 8.43 15.71 -27.49
C LYS A 374 7.14 16.03 -28.23
N MET A 375 6.08 15.31 -27.98
CA MET A 375 4.81 15.60 -28.62
C MET A 375 4.05 16.76 -27.95
N GLY A 376 4.68 17.49 -27.02
CA GLY A 376 4.07 18.68 -26.45
C GLY A 376 3.18 18.45 -25.27
N GLU A 377 3.26 17.27 -24.63
CA GLU A 377 2.41 17.00 -23.48
C GLU A 377 2.64 18.03 -22.38
N ASN A 378 1.57 18.36 -21.67
CA ASN A 378 1.61 19.38 -20.64
C ASN A 378 2.50 18.94 -19.47
N GLN A 379 3.33 19.86 -18.97
CA GLN A 379 4.36 19.53 -17.98
C GLN A 379 3.76 19.12 -16.63
N LYS A 380 2.64 19.76 -16.24
CA LYS A 380 1.98 19.37 -15.00
C LYS A 380 1.43 17.95 -15.09
N LEU A 381 0.91 17.59 -16.25
CA LEU A 381 0.43 16.23 -16.47
C LEU A 381 1.58 15.23 -16.29
N LEU A 382 2.73 15.50 -16.91
CA LEU A 382 3.84 14.56 -16.77
C LEU A 382 4.30 14.47 -15.32
N GLU A 383 4.41 15.62 -14.65
CA GLU A 383 4.75 15.59 -13.22
C GLU A 383 3.74 14.77 -12.45
N LEU A 384 2.44 14.94 -12.77
CA LEU A 384 1.41 14.18 -12.09
C LEU A 384 1.63 12.67 -12.27
N LEU A 385 1.84 12.23 -13.52
CA LEU A 385 2.04 10.81 -13.77
C LEU A 385 3.26 10.27 -13.02
N LEU A 386 4.29 11.10 -12.84
CA LEU A 386 5.46 10.65 -12.11
C LEU A 386 5.17 10.38 -10.64
N LEU A 387 4.34 11.20 -10.01
CA LEU A 387 4.11 11.06 -8.58
C LEU A 387 3.00 10.07 -8.24
N LEU A 388 2.16 9.65 -9.19
CA LEU A 388 1.15 8.65 -8.90
C LEU A 388 1.71 7.25 -9.14
N GLU A 389 1.22 6.30 -8.35
CA GLU A 389 1.66 4.92 -8.46
C GLU A 389 0.46 4.01 -8.78
N HIS A 390 0.72 2.71 -8.94
CA HIS A 390 -0.30 1.77 -9.38
C HIS A 390 -1.02 1.10 -8.20
N HIS A 391 -0.29 0.41 -7.33
CA HIS A 391 -0.88 -0.35 -6.22
C HIS A 391 -2.18 -1.09 -6.56
N MET B 2 -37.34 12.83 43.80
CA MET B 2 -37.77 12.34 42.50
C MET B 2 -37.21 13.17 41.34
N GLU B 3 -36.62 12.51 40.37
CA GLU B 3 -36.20 13.18 39.13
C GLU B 3 -37.43 13.71 38.37
N LEU B 4 -37.21 14.75 37.56
CA LEU B 4 -38.32 15.41 36.89
C LEU B 4 -39.14 14.45 36.02
N ILE B 5 -38.48 13.52 35.34
CA ILE B 5 -39.20 12.63 34.43
C ILE B 5 -40.19 11.77 35.21
N ARG B 6 -39.80 11.29 36.40
CA ARG B 6 -40.70 10.50 37.22
C ARG B 6 -41.86 11.33 37.74
N ILE B 7 -41.57 12.56 38.18
CA ILE B 7 -42.62 13.49 38.59
C ILE B 7 -43.64 13.66 37.48
N ALA B 8 -43.16 14.02 36.29
CA ALA B 8 -44.05 14.27 35.16
C ALA B 8 -44.79 13.01 34.74
N MET B 9 -44.10 11.86 34.72
CA MET B 9 -44.77 10.63 34.32
C MET B 9 -45.91 10.27 35.27
N LYS B 10 -45.67 10.35 36.58
CA LYS B 10 -46.74 10.13 37.55
C LYS B 10 -47.89 11.11 37.33
N LYS B 11 -47.56 12.40 37.20
CA LYS B 11 -48.57 13.43 36.93
C LYS B 11 -49.46 13.05 35.77
N ASP B 12 -48.86 12.68 34.63
CA ASP B 12 -49.65 12.33 33.46
C ASP B 12 -50.34 10.98 33.59
N LEU B 13 -49.87 10.13 34.50
CA LEU B 13 -50.47 8.80 34.64
C LEU B 13 -51.92 8.88 35.13
N GLU B 14 -52.25 9.89 35.93
CA GLU B 14 -53.63 10.03 36.39
C GLU B 14 -54.57 10.39 35.23
N ASN B 15 -54.18 11.38 34.43
CA ASN B 15 -55.06 11.85 33.36
C ASN B 15 -55.38 10.72 32.37
N ASP B 16 -54.37 9.92 32.02
CA ASP B 16 -54.49 8.85 31.03
C ASP B 16 -53.88 7.62 31.67
N ASN B 17 -54.71 6.76 32.26
CA ASN B 17 -54.16 5.57 32.90
C ASN B 17 -53.74 4.52 31.89
N SER B 18 -54.14 4.66 30.62
CA SER B 18 -53.64 3.79 29.57
C SER B 18 -52.25 4.18 29.11
N LEU B 19 -51.64 5.21 29.71
CA LEU B 19 -50.26 5.56 29.38
C LEU B 19 -49.29 4.49 29.86
N MET B 20 -49.58 3.87 31.01
CA MET B 20 -48.73 2.79 31.52
C MET B 20 -48.51 1.73 30.45
N ASN B 21 -49.58 1.28 29.80
CA ASN B 21 -49.43 0.28 28.74
C ASN B 21 -48.78 0.88 27.51
N LYS B 22 -49.14 2.12 27.17
CA LYS B 22 -48.52 2.78 26.02
C LYS B 22 -47.01 2.93 26.20
N TRP B 23 -46.58 3.32 27.41
CA TRP B 23 -45.15 3.42 27.70
C TRP B 23 -44.49 2.05 27.75
N ALA B 24 -45.20 1.03 28.25
CA ALA B 24 -44.66 -0.32 28.32
C ALA B 24 -44.19 -0.80 26.96
N THR B 25 -44.98 -0.57 25.92
CA THR B 25 -44.55 -1.01 24.59
C THR B 25 -43.52 -0.07 23.98
N VAL B 26 -43.61 1.24 24.26
CA VAL B 26 -42.61 2.17 23.76
C VAL B 26 -41.23 1.84 24.33
N ALA B 27 -41.17 1.48 25.62
CA ALA B 27 -39.93 1.08 26.27
C ALA B 27 -39.49 -0.34 25.94
N GLY B 28 -40.27 -1.10 25.17
CA GLY B 28 -39.84 -2.43 24.80
C GLY B 28 -39.95 -3.46 25.90
N LEU B 29 -40.76 -3.19 26.93
CA LEU B 29 -40.96 -4.13 28.02
C LEU B 29 -42.03 -5.15 27.64
N LYS B 30 -41.91 -6.36 28.19
CA LYS B 30 -42.99 -7.32 28.02
C LYS B 30 -44.15 -7.02 28.97
N ASN B 31 -43.88 -7.07 30.27
CA ASN B 31 -44.85 -6.63 31.25
C ASN B 31 -44.44 -5.26 31.81
N PRO B 32 -45.36 -4.52 32.40
CA PRO B 32 -45.05 -3.16 32.89
C PRO B 32 -44.45 -3.10 34.28
N ASN B 33 -44.04 -4.21 34.88
CA ASN B 33 -43.50 -4.15 36.24
C ASN B 33 -42.21 -3.33 36.36
N PRO B 34 -41.26 -3.37 35.42
CA PRO B 34 -40.13 -2.43 35.54
C PRO B 34 -40.59 -0.99 35.48
N LEU B 35 -41.60 -0.70 34.67
CA LEU B 35 -42.17 0.64 34.63
C LEU B 35 -42.81 1.00 35.96
N TYR B 36 -43.64 0.10 36.51
CA TYR B 36 -44.16 0.29 37.85
C TYR B 36 -43.02 0.45 38.85
N ASP B 37 -42.02 -0.41 38.75
CA ASP B 37 -40.84 -0.27 39.58
C ASP B 37 -40.21 1.10 39.38
N PHE B 38 -40.06 1.54 38.12
CA PHE B 38 -39.34 2.77 37.82
C PHE B 38 -39.96 3.98 38.52
N LEU B 39 -41.29 4.10 38.46
CA LEU B 39 -41.94 5.27 39.02
C LEU B 39 -41.90 5.27 40.55
N ASN B 40 -42.16 4.11 41.17
CA ASN B 40 -42.42 4.09 42.61
C ASN B 40 -41.14 4.01 43.44
N HIS B 41 -40.12 3.32 42.96
CA HIS B 41 -38.92 3.10 43.78
C HIS B 41 -37.76 3.93 43.26
N ASP B 42 -37.15 4.71 44.15
CA ASP B 42 -36.02 5.57 43.81
C ASP B 42 -34.82 4.75 43.37
N GLY B 43 -34.03 5.34 42.48
CA GLY B 43 -32.71 4.84 42.16
C GLY B 43 -32.66 3.57 41.33
N LYS B 44 -33.79 2.91 41.09
CA LYS B 44 -33.72 1.72 40.27
C LYS B 44 -33.90 2.08 38.80
N THR B 45 -33.25 1.30 37.94
CA THR B 45 -33.08 1.64 36.54
C THR B 45 -33.74 0.59 35.65
N PHE B 46 -34.10 0.99 34.44
CA PHE B 46 -34.41 -0.02 33.44
C PHE B 46 -33.14 -0.80 33.12
N ASN B 47 -33.32 -2.04 32.65
CA ASN B 47 -32.14 -2.82 32.30
C ASN B 47 -31.43 -2.28 31.05
N GLU B 48 -32.17 -1.67 30.13
CA GLU B 48 -31.54 -1.05 28.96
C GLU B 48 -32.01 0.39 28.86
N PHE B 49 -31.04 1.30 28.67
CA PHE B 49 -31.27 2.74 28.72
C PHE B 49 -32.26 3.22 27.67
N SER B 50 -32.39 2.47 26.56
CA SER B 50 -33.33 2.91 25.52
C SER B 50 -34.77 2.97 26.03
N SER B 51 -35.10 2.20 27.09
CA SER B 51 -36.45 2.25 27.64
C SER B 51 -36.84 3.68 28.02
N ILE B 52 -35.97 4.37 28.77
CA ILE B 52 -36.36 5.71 29.17
C ILE B 52 -36.11 6.73 28.06
N VAL B 53 -35.10 6.52 27.22
CA VAL B 53 -34.90 7.41 26.08
C VAL B 53 -36.14 7.39 25.18
N ASN B 54 -36.68 6.19 24.92
CA ASN B 54 -37.82 6.07 24.03
C ASN B 54 -39.04 6.74 24.64
N ILE B 55 -39.28 6.52 25.93
CA ILE B 55 -40.40 7.16 26.60
C ILE B 55 -40.25 8.69 26.54
N VAL B 56 -39.07 9.21 26.86
CA VAL B 56 -38.88 10.67 26.82
C VAL B 56 -39.17 11.23 25.43
N LYS B 57 -38.69 10.55 24.37
CA LYS B 57 -38.94 11.02 23.00
C LYS B 57 -40.42 10.89 22.61
N SER B 58 -41.10 9.83 23.08
CA SER B 58 -42.52 9.65 22.79
C SER B 58 -43.36 10.75 23.42
N GLN B 59 -43.17 11.00 24.72
CA GLN B 59 -44.14 11.81 25.41
C GLN B 59 -43.68 13.22 25.75
N TYR B 60 -42.36 13.46 25.88
CA TYR B 60 -41.86 14.82 26.16
C TYR B 60 -40.78 15.27 25.19
N PRO B 61 -40.97 15.09 23.88
CA PRO B 61 -39.86 15.38 22.93
C PRO B 61 -39.40 16.82 22.96
N ASP B 62 -40.26 17.76 23.34
CA ASP B 62 -39.85 19.15 23.47
C ASP B 62 -38.98 19.40 24.70
N ARG B 63 -38.94 18.45 25.64
CA ARG B 63 -38.18 18.60 26.87
C ARG B 63 -37.07 17.56 27.00
N GLU B 64 -36.63 16.96 25.88
CA GLU B 64 -35.70 15.84 25.97
C GLU B 64 -34.45 16.20 26.75
N TYR B 65 -33.80 17.32 26.38
CA TYR B 65 -32.57 17.72 27.06
C TYR B 65 -32.81 17.97 28.54
N GLU B 66 -33.76 18.87 28.83
CA GLU B 66 -34.10 19.20 30.21
C GLU B 66 -34.34 17.94 31.05
N LEU B 67 -35.17 17.03 30.56
CA LEU B 67 -35.53 15.84 31.33
C LEU B 67 -34.35 14.88 31.45
N MET B 68 -33.60 14.70 30.36
CA MET B 68 -32.53 13.72 30.39
C MET B 68 -31.31 14.26 31.14
N LYS B 69 -31.10 15.58 31.13
CA LYS B 69 -30.01 16.14 31.93
C LYS B 69 -30.27 15.95 33.41
N ASP B 70 -31.50 16.20 33.84
CA ASP B 70 -31.87 15.95 35.23
C ASP B 70 -31.75 14.48 35.57
N TYR B 71 -32.17 13.59 34.66
CA TYR B 71 -32.14 12.17 34.98
C TYR B 71 -30.71 11.62 34.97
N CYS B 72 -29.94 11.97 33.92
CA CYS B 72 -28.59 11.42 33.80
C CYS B 72 -27.68 11.89 34.94
N LEU B 73 -27.76 13.18 35.28
CA LEU B 73 -26.88 13.71 36.31
C LEU B 73 -27.29 13.28 37.71
N ASN B 74 -28.37 12.51 37.85
CA ASN B 74 -28.78 11.94 39.13
C ASN B 74 -28.44 10.46 39.26
N LEU B 75 -27.94 9.85 38.20
CA LEU B 75 -27.61 8.43 38.22
C LEU B 75 -26.41 8.17 39.13
N ASP B 76 -26.44 7.04 39.82
CA ASP B 76 -25.23 6.48 40.41
C ASP B 76 -24.27 6.13 39.28
N VAL B 77 -23.07 6.70 39.30
CA VAL B 77 -22.19 6.56 38.14
C VAL B 77 -21.46 5.23 38.11
N LYS B 78 -21.66 4.35 39.10
CA LYS B 78 -21.15 2.99 39.08
C LYS B 78 -22.05 2.03 38.33
N THR B 79 -23.10 2.52 37.70
CA THR B 79 -24.16 1.65 37.22
C THR B 79 -24.12 1.56 35.70
N LYS B 80 -24.80 0.54 35.17
CA LYS B 80 -24.86 0.36 33.73
C LYS B 80 -25.67 1.48 33.07
N ALA B 81 -26.71 1.97 33.76
CA ALA B 81 -27.45 3.12 33.28
C ALA B 81 -26.56 4.35 33.12
N ALA B 82 -25.66 4.59 34.07
CA ALA B 82 -24.75 5.72 33.93
C ALA B 82 -23.79 5.54 32.77
N ARG B 83 -23.22 4.35 32.62
CA ARG B 83 -22.34 4.14 31.46
C ARG B 83 -23.13 4.29 30.18
N SER B 84 -24.41 3.87 30.18
CA SER B 84 -25.27 4.08 29.03
C SER B 84 -25.51 5.57 28.79
N ALA B 85 -25.76 6.31 29.87
CA ALA B 85 -26.03 7.75 29.74
C ALA B 85 -24.84 8.50 29.17
N LEU B 86 -23.63 8.01 29.45
CA LEU B 86 -22.43 8.65 28.92
C LEU B 86 -22.46 8.62 27.40
N GLU B 87 -22.69 7.44 26.83
CA GLU B 87 -22.77 7.32 25.38
C GLU B 87 -23.95 8.13 24.82
N TYR B 88 -25.10 8.11 25.51
CA TYR B 88 -26.23 8.92 25.07
C TYR B 88 -25.84 10.39 24.99
N ALA B 89 -25.15 10.90 26.01
CA ALA B 89 -24.73 12.29 25.99
C ALA B 89 -23.76 12.56 24.85
N ASP B 90 -22.79 11.66 24.67
CA ASP B 90 -21.75 11.91 23.66
C ASP B 90 -22.33 11.85 22.26
N ALA B 91 -23.24 10.91 22.00
CA ALA B 91 -23.80 10.79 20.66
C ALA B 91 -24.59 12.04 20.29
N ASN B 92 -25.33 12.60 21.25
CA ASN B 92 -26.09 13.81 21.05
C ASN B 92 -25.26 15.08 21.23
N MET B 93 -23.98 14.97 21.57
CA MET B 93 -23.14 16.14 21.84
C MET B 93 -23.70 17.00 22.98
N PHE B 94 -24.33 16.36 23.96
CA PHE B 94 -24.73 17.04 25.20
C PHE B 94 -23.51 17.13 26.12
N PHE B 95 -22.56 17.98 25.71
CA PHE B 95 -21.26 18.07 26.37
C PHE B 95 -21.38 18.38 27.85
N GLU B 96 -22.42 19.12 28.25
CA GLU B 96 -22.57 19.49 29.65
C GLU B 96 -22.92 18.27 30.50
N ILE B 97 -23.72 17.36 29.98
CA ILE B 97 -23.95 16.09 30.68
C ILE B 97 -22.71 15.21 30.60
N GLU B 98 -22.12 15.09 29.42
CA GLU B 98 -21.00 14.18 29.21
C GLU B 98 -19.84 14.50 30.15
N ASP B 99 -19.37 15.75 30.12
CA ASP B 99 -18.22 16.16 30.93
C ASP B 99 -18.42 15.87 32.42
N VAL B 100 -19.62 16.11 32.94
CA VAL B 100 -19.89 15.83 34.34
C VAL B 100 -19.84 14.33 34.60
N LEU B 101 -20.40 13.53 33.68
CA LEU B 101 -20.35 12.09 33.84
C LEU B 101 -18.92 11.60 33.83
N ILE B 102 -18.10 12.15 32.91
CA ILE B 102 -16.72 11.73 32.75
C ILE B 102 -15.93 11.91 34.05
N ASP B 103 -16.05 13.09 34.67
CA ASP B 103 -15.27 13.37 35.87
C ASP B 103 -15.72 12.48 37.02
N SER B 104 -17.03 12.38 37.23
CA SER B 104 -17.53 11.55 38.31
C SER B 104 -17.14 10.09 38.10
N MET B 105 -17.12 9.62 36.84
CA MET B 105 -16.80 8.22 36.58
C MET B 105 -15.33 7.93 36.83
N ILE B 106 -14.45 8.83 36.38
CA ILE B 106 -13.03 8.61 36.51
C ILE B 106 -12.63 8.47 37.97
N SER B 107 -13.40 9.04 38.87
CA SER B 107 -13.06 9.04 40.29
C SER B 107 -13.81 8.00 41.10
N CYS B 108 -14.78 7.30 40.52
CA CYS B 108 -15.52 6.31 41.30
C CYS B 108 -14.72 5.02 41.40
N SER B 109 -15.19 4.12 42.27
CA SER B 109 -14.48 2.87 42.54
C SER B 109 -14.88 1.73 41.59
N ASN B 110 -15.81 1.95 40.66
CA ASN B 110 -16.15 0.93 39.67
C ASN B 110 -15.20 1.08 38.50
N MET B 111 -14.32 0.08 38.30
CA MET B 111 -13.28 0.17 37.28
C MET B 111 -13.85 0.17 35.87
N LYS B 112 -15.07 -0.35 35.69
CA LYS B 112 -15.71 -0.32 34.38
C LYS B 112 -16.14 1.10 34.02
N SER B 113 -16.90 1.74 34.90
CA SER B 113 -17.22 3.16 34.71
C SER B 113 -15.95 4.00 34.58
N LYS B 114 -14.94 3.71 35.40
CA LYS B 114 -13.72 4.51 35.30
C LYS B 114 -13.10 4.40 33.92
N GLU B 115 -13.07 3.20 33.34
CA GLU B 115 -12.51 3.02 31.99
C GLU B 115 -13.32 3.77 30.94
N TYR B 116 -14.65 3.65 31.00
CA TYR B 116 -15.50 4.42 30.09
C TYR B 116 -15.20 5.91 30.17
N GLY B 117 -15.20 6.45 31.38
CA GLY B 117 -14.92 7.87 31.54
C GLY B 117 -13.60 8.27 30.89
N LYS B 118 -12.57 7.44 31.09
CA LYS B 118 -11.23 7.78 30.63
C LYS B 118 -11.11 7.74 29.11
N VAL B 119 -11.78 6.80 28.43
CA VAL B 119 -11.56 6.84 26.98
C VAL B 119 -12.54 7.83 26.31
N TYR B 120 -13.73 8.07 26.88
CA TYR B 120 -14.51 9.19 26.36
C TYR B 120 -13.77 10.50 26.59
N LYS B 121 -13.07 10.62 27.71
CA LYS B 121 -12.31 11.83 27.99
C LYS B 121 -11.26 12.07 26.91
N ILE B 122 -10.55 11.02 26.51
CA ILE B 122 -9.56 11.11 25.45
C ILE B 122 -10.23 11.55 24.16
N HIS B 123 -11.43 11.04 23.90
CA HIS B 123 -12.14 11.41 22.69
C HIS B 123 -12.48 12.90 22.67
N ARG B 124 -12.95 13.43 23.81
CA ARG B 124 -13.28 14.85 23.86
C ARG B 124 -12.02 15.70 23.73
N GLU B 125 -10.95 15.34 24.43
CA GLU B 125 -9.73 16.11 24.31
C GLU B 125 -9.16 16.06 22.90
N LEU B 126 -9.18 14.89 22.26
CA LEU B 126 -8.68 14.80 20.89
C LEU B 126 -9.53 15.61 19.93
N SER B 127 -10.85 15.52 20.07
CA SER B 127 -11.72 16.22 19.12
C SER B 127 -11.72 17.73 19.32
N ASN B 128 -11.12 18.23 20.40
CA ASN B 128 -10.93 19.67 20.59
C ASN B 128 -9.46 20.06 20.56
N SER B 129 -8.59 19.17 20.08
CA SER B 129 -7.20 19.45 19.80
C SER B 129 -6.42 19.81 21.05
N VAL B 130 -6.98 19.49 22.22
CA VAL B 130 -6.22 19.56 23.47
C VAL B 130 -4.98 18.70 23.39
N ILE B 131 -5.06 17.59 22.65
CA ILE B 131 -3.96 16.64 22.51
C ILE B 131 -3.86 16.24 21.05
N THR B 132 -2.66 15.86 20.64
CA THR B 132 -2.43 15.32 19.31
C THR B 132 -2.91 13.88 19.20
N GLU B 133 -3.08 13.44 17.96
CA GLU B 133 -3.35 12.02 17.69
C GLU B 133 -2.34 11.11 18.39
N PHE B 134 -1.07 11.51 18.41
CA PHE B 134 -0.04 10.63 18.95
C PHE B 134 -0.23 10.40 20.45
N GLU B 135 -0.60 11.46 21.12
CA GLU B 135 -0.81 11.48 22.57
C GLU B 135 -2.04 10.65 22.95
N ALA B 136 -3.03 10.66 22.08
CA ALA B 136 -4.30 9.96 22.24
C ALA B 136 -4.10 8.46 22.09
N VAL B 137 -3.40 8.06 21.03
CA VAL B 137 -3.00 6.66 20.89
C VAL B 137 -2.17 6.22 22.09
N LYS B 138 -1.21 7.05 22.52
CA LYS B 138 -0.36 6.66 23.65
C LYS B 138 -1.17 6.52 24.93
N ARG B 139 -2.12 7.43 25.14
CA ARG B 139 -2.95 7.39 26.35
C ARG B 139 -3.88 6.19 26.35
N LEU B 140 -4.50 5.90 25.20
CA LEU B 140 -5.32 4.69 25.08
C LEU B 140 -4.47 3.44 25.30
N GLY B 141 -3.23 3.45 24.79
CA GLY B 141 -2.37 2.30 25.00
C GLY B 141 -2.15 1.99 26.46
N LYS B 142 -1.84 3.01 27.26
CA LYS B 142 -1.56 2.81 28.67
C LYS B 142 -2.80 2.39 29.44
N LEU B 143 -4.00 2.64 28.92
CA LEU B 143 -5.21 2.20 29.63
C LEU B 143 -5.37 0.68 29.68
N ASN B 144 -4.72 -0.06 28.78
CA ASN B 144 -4.92 -1.51 28.65
C ASN B 144 -6.40 -1.86 28.67
N ILE B 145 -7.12 -1.44 27.62
CA ILE B 145 -8.57 -1.39 27.68
C ILE B 145 -9.16 -2.81 27.76
N LYS B 146 -10.06 -3.00 28.73
CA LYS B 146 -10.66 -4.29 29.06
C LYS B 146 -12.00 -4.54 28.39
N THR B 147 -12.84 -3.56 28.33
CA THR B 147 -14.19 -3.93 27.91
C THR B 147 -14.30 -3.94 26.38
N PRO B 148 -15.17 -4.80 25.85
CA PRO B 148 -15.43 -4.75 24.40
C PRO B 148 -15.99 -3.42 23.96
N GLU B 149 -16.81 -2.77 24.80
CA GLU B 149 -17.33 -1.44 24.48
C GLU B 149 -16.20 -0.45 24.22
N MET B 150 -15.25 -0.33 25.16
CA MET B 150 -14.24 0.69 24.96
C MET B 150 -13.17 0.28 23.98
N ASN B 151 -12.94 -1.02 23.76
CA ASN B 151 -12.13 -1.41 22.61
C ASN B 151 -12.75 -0.91 21.32
N SER B 152 -14.07 -1.03 21.20
CA SER B 152 -14.78 -0.48 20.04
C SER B 152 -14.66 1.04 20.02
N PHE B 153 -14.94 1.71 21.14
CA PHE B 153 -14.95 3.17 21.09
C PHE B 153 -13.55 3.74 20.89
N SER B 154 -12.52 3.09 21.44
CA SER B 154 -11.16 3.56 21.18
C SER B 154 -10.92 3.67 19.68
N ARG B 155 -11.54 2.78 18.90
CA ARG B 155 -11.37 2.83 17.46
C ARG B 155 -12.27 3.89 16.83
N LEU B 156 -13.48 4.05 17.36
CA LEU B 156 -14.42 5.03 16.81
C LEU B 156 -13.88 6.45 16.94
N LEU B 157 -13.40 6.82 18.13
CA LEU B 157 -12.86 8.16 18.34
C LEU B 157 -11.69 8.44 17.40
N LEU B 158 -10.92 7.43 17.06
CA LEU B 158 -9.81 7.63 16.14
C LEU B 158 -10.32 7.86 14.72
N LEU B 159 -11.35 7.11 14.33
CA LEU B 159 -11.97 7.29 13.02
C LEU B 159 -12.62 8.67 12.89
N TYR B 160 -13.24 9.17 13.96
CA TYR B 160 -13.78 10.53 13.92
C TYR B 160 -12.67 11.54 13.69
N HIS B 161 -11.48 11.30 14.27
CA HIS B 161 -10.35 12.21 14.08
C HIS B 161 -9.87 12.18 12.63
N TYR B 162 -9.65 10.98 12.09
CA TYR B 162 -9.37 10.85 10.67
C TYR B 162 -10.43 11.54 9.82
N LEU B 163 -11.70 11.39 10.20
CA LEU B 163 -12.78 12.06 9.46
C LEU B 163 -12.68 13.58 9.61
N SER B 164 -12.52 14.06 10.84
CA SER B 164 -12.41 15.49 11.08
C SER B 164 -11.26 16.12 10.27
N THR B 165 -10.18 15.37 10.06
CA THR B 165 -9.02 15.88 9.33
C THR B 165 -9.02 15.49 7.86
N GLY B 166 -10.08 14.86 7.34
CA GLY B 166 -10.13 14.43 5.95
C GLY B 166 -9.11 13.37 5.56
N ASN B 167 -8.57 12.65 6.53
CA ASN B 167 -7.56 11.63 6.28
C ASN B 167 -8.25 10.28 6.10
N PHE B 168 -8.75 10.04 4.89
CA PHE B 168 -9.56 8.86 4.62
C PHE B 168 -8.76 7.57 4.50
N SER B 169 -7.46 7.64 4.25
CA SER B 169 -6.73 6.42 3.88
C SER B 169 -6.73 5.37 4.98
N PRO B 170 -6.44 5.68 6.25
CA PRO B 170 -6.44 4.62 7.26
C PRO B 170 -7.81 4.21 7.76
N MET B 171 -8.91 4.78 7.25
CA MET B 171 -10.22 4.56 7.85
C MET B 171 -10.75 3.16 7.56
N ALA B 172 -10.65 2.70 6.30
CA ALA B 172 -11.18 1.39 5.97
C ALA B 172 -10.48 0.28 6.76
N GLN B 173 -9.16 0.35 6.90
CA GLN B 173 -8.45 -0.63 7.71
C GLN B 173 -8.95 -0.60 9.15
N LEU B 174 -9.10 0.60 9.72
CA LEU B 174 -9.40 0.72 11.13
C LEU B 174 -10.81 0.23 11.45
N ILE B 175 -11.79 0.66 10.65
CA ILE B 175 -13.18 0.31 10.95
C ILE B 175 -13.40 -1.18 10.82
N LYS B 176 -12.62 -1.86 9.98
CA LYS B 176 -12.80 -3.30 9.81
C LYS B 176 -12.51 -4.09 11.08
N GLN B 177 -11.71 -3.52 12.01
CA GLN B 177 -11.36 -4.20 13.25
C GLN B 177 -12.46 -4.12 14.32
N ILE B 178 -13.48 -3.30 14.14
CA ILE B 178 -14.55 -3.19 15.13
C ILE B 178 -15.42 -4.43 15.01
N ASP B 179 -15.63 -5.12 16.13
CA ASP B 179 -16.48 -6.30 16.16
C ASP B 179 -17.47 -6.09 17.28
N LEU B 180 -18.62 -5.53 16.90
CA LEU B 180 -19.66 -5.17 17.86
C LEU B 180 -20.36 -6.38 18.43
N SER B 181 -20.21 -7.55 17.81
CA SER B 181 -20.87 -8.76 18.33
C SER B 181 -20.36 -9.13 19.70
N GLU B 182 -19.11 -8.75 20.04
CA GLU B 182 -18.54 -8.89 21.37
C GLU B 182 -19.25 -8.06 22.42
N ILE B 183 -20.10 -7.11 22.03
CA ILE B 183 -20.82 -6.28 23.00
C ILE B 183 -22.17 -6.94 23.25
N SER B 184 -22.26 -7.71 24.34
CA SER B 184 -23.44 -8.50 24.66
C SER B 184 -24.18 -8.05 25.91
N GLU B 185 -23.55 -7.31 26.82
CA GLU B 185 -24.20 -6.93 28.08
C GLU B 185 -25.00 -5.63 27.95
N ASN B 186 -24.51 -4.66 27.20
CA ASN B 186 -25.18 -3.36 27.07
C ASN B 186 -25.67 -3.22 25.63
N MET B 187 -26.94 -3.54 25.42
CA MET B 187 -27.53 -3.45 24.08
C MET B 187 -27.75 -2.01 23.65
N TYR B 188 -27.97 -1.09 24.59
CA TYR B 188 -28.04 0.31 24.19
C TYR B 188 -26.74 0.75 23.52
N ILE B 189 -25.60 0.38 24.09
CA ILE B 189 -24.33 0.78 23.48
C ILE B 189 -24.10 -0.01 22.19
N ARG B 190 -24.43 -1.30 22.20
CA ARG B 190 -24.35 -2.10 20.98
C ARG B 190 -25.10 -1.44 19.83
N ASN B 191 -26.32 -0.95 20.10
CA ASN B 191 -27.14 -0.38 19.04
C ASN B 191 -26.66 1.00 18.60
N THR B 192 -26.29 1.87 19.54
CA THR B 192 -25.83 3.18 19.12
C THR B 192 -24.48 3.08 18.42
N TYR B 193 -23.60 2.19 18.87
CA TYR B 193 -22.33 2.02 18.18
C TYR B 193 -22.55 1.49 16.78
N GLN B 194 -23.56 0.65 16.59
CA GLN B 194 -23.86 0.15 15.24
C GLN B 194 -24.32 1.28 14.34
N THR B 195 -25.11 2.22 14.88
CA THR B 195 -25.43 3.44 14.14
C THR B 195 -24.18 4.24 13.82
N ARG B 196 -23.27 4.38 14.79
CA ARG B 196 -22.05 5.11 14.55
C ARG B 196 -21.27 4.50 13.39
N VAL B 197 -21.20 3.16 13.36
CA VAL B 197 -20.44 2.45 12.34
C VAL B 197 -21.13 2.52 10.99
N HIS B 198 -22.45 2.38 10.96
CA HIS B 198 -23.20 2.57 9.72
C HIS B 198 -22.91 3.93 9.10
N VAL B 199 -22.96 4.99 9.91
CA VAL B 199 -22.74 6.35 9.39
C VAL B 199 -21.31 6.53 8.90
N LEU B 200 -20.33 6.01 9.66
CA LEU B 200 -18.94 6.12 9.24
C LEU B 200 -18.68 5.31 7.98
N MET B 201 -19.23 4.09 7.91
CA MET B 201 -19.14 3.29 6.67
C MET B 201 -19.71 4.05 5.47
N SER B 202 -20.84 4.74 5.65
CA SER B 202 -21.45 5.49 4.55
C SER B 202 -20.53 6.60 4.04
N ASN B 203 -19.95 7.37 4.96
CA ASN B 203 -19.04 8.42 4.54
C ASN B 203 -17.78 7.84 3.90
N ILE B 204 -17.30 6.69 4.40
CA ILE B 204 -16.16 6.02 3.80
C ILE B 204 -16.47 5.66 2.36
N LYS B 205 -17.62 5.03 2.12
CA LYS B 205 -18.00 4.62 0.77
C LYS B 205 -18.19 5.82 -0.15
N LEU B 206 -18.73 6.93 0.37
CA LEU B 206 -18.88 8.16 -0.40
C LEU B 206 -17.54 8.61 -0.96
N ASN B 207 -16.52 8.68 -0.10
CA ASN B 207 -15.22 9.16 -0.56
C ASN B 207 -14.57 8.19 -1.54
N GLU B 208 -14.98 6.92 -1.55
CA GLU B 208 -14.47 5.92 -2.48
C GLU B 208 -15.23 5.91 -3.80
N ASN B 209 -16.25 6.76 -3.94
CA ASN B 209 -17.14 6.75 -5.10
C ASN B 209 -17.84 5.40 -5.23
N SER B 210 -18.17 4.80 -4.10
CA SER B 210 -18.94 3.55 -4.10
C SER B 210 -20.32 3.93 -3.59
N LEU B 211 -21.15 4.41 -4.51
CA LEU B 211 -22.29 5.25 -4.18
C LEU B 211 -23.51 4.44 -3.77
N GLU B 212 -23.75 3.28 -4.40
CA GLU B 212 -24.88 2.46 -4.00
C GLU B 212 -24.68 1.88 -2.59
N GLU B 213 -23.47 1.42 -2.28
CA GLU B 213 -23.16 0.99 -0.93
C GLU B 213 -23.27 2.14 0.06
N CYS B 214 -22.78 3.32 -0.32
CA CYS B 214 -22.91 4.51 0.50
C CYS B 214 -24.35 4.71 0.96
N ARG B 215 -25.30 4.63 0.02
CA ARG B 215 -26.70 4.86 0.36
C ARG B 215 -27.26 3.71 1.20
N GLU B 216 -26.79 2.49 0.98
CA GLU B 216 -27.22 1.34 1.78
C GLU B 216 -26.86 1.52 3.25
N TYR B 217 -25.60 1.87 3.53
CA TYR B 217 -25.18 2.06 4.91
C TYR B 217 -25.93 3.22 5.58
N SER B 218 -26.29 4.26 4.82
CA SER B 218 -27.00 5.39 5.40
C SER B 218 -28.45 5.03 5.70
N LYS B 219 -29.08 4.25 4.82
CA LYS B 219 -30.42 3.80 5.13
C LYS B 219 -30.41 2.85 6.32
N LYS B 220 -29.39 1.98 6.40
CA LYS B 220 -29.23 1.15 7.58
C LYS B 220 -29.04 2.01 8.83
N ALA B 221 -28.29 3.11 8.71
CA ALA B 221 -28.14 4.00 9.86
C ALA B 221 -29.48 4.62 10.25
N LEU B 222 -30.22 5.12 9.27
CA LEU B 222 -31.48 5.80 9.55
C LEU B 222 -32.50 4.86 10.20
N GLU B 223 -32.58 3.61 9.72
CA GLU B 223 -33.52 2.65 10.27
C GLU B 223 -33.16 2.26 11.69
N SER B 224 -31.90 2.39 12.06
CA SER B 224 -31.39 1.90 13.33
C SER B 224 -31.45 2.92 14.45
N THR B 225 -31.93 4.15 14.19
CA THR B 225 -31.65 5.22 15.16
C THR B 225 -32.79 6.21 15.31
N ASN B 226 -32.81 6.89 16.46
CA ASN B 226 -33.63 8.05 16.71
C ASN B 226 -32.80 9.27 17.13
N ILE B 227 -31.49 9.24 16.90
CA ILE B 227 -30.61 10.29 17.38
C ILE B 227 -30.38 11.32 16.27
N LEU B 228 -30.73 12.58 16.56
CA LEU B 228 -30.78 13.63 15.53
C LEU B 228 -29.47 13.72 14.75
N ARG B 229 -28.33 13.74 15.47
CA ARG B 229 -27.03 13.87 14.81
C ARG B 229 -26.86 12.84 13.70
N PHE B 230 -27.22 11.59 13.96
CA PHE B 230 -26.98 10.53 12.99
C PHE B 230 -28.01 10.56 11.87
N GLN B 231 -29.23 11.00 12.17
CA GLN B 231 -30.18 11.23 11.10
C GLN B 231 -29.70 12.34 10.17
N VAL B 232 -29.26 13.46 10.75
CA VAL B 232 -28.79 14.62 9.99
C VAL B 232 -27.71 14.18 9.00
N PHE B 233 -26.71 13.44 9.50
CA PHE B 233 -25.59 13.10 8.65
C PHE B 233 -25.91 11.95 7.69
N SER B 234 -26.93 11.15 7.99
CA SER B 234 -27.38 10.16 7.02
C SER B 234 -28.05 10.84 5.82
N TYR B 235 -28.94 11.80 6.06
CA TYR B 235 -29.58 12.53 4.97
C TYR B 235 -28.57 13.34 4.17
N LEU B 236 -27.60 13.95 4.87
CA LEU B 236 -26.58 14.71 4.16
C LEU B 236 -25.77 13.80 3.25
N THR B 237 -25.37 12.63 3.76
CA THR B 237 -24.52 11.74 2.97
C THR B 237 -25.29 11.12 1.80
N ILE B 238 -26.56 10.75 2.01
CA ILE B 238 -27.40 10.27 0.91
C ILE B 238 -27.50 11.32 -0.18
N GLY B 239 -27.88 12.55 0.20
CA GLY B 239 -27.97 13.61 -0.78
C GLY B 239 -26.67 13.84 -1.52
N ASN B 240 -25.56 13.85 -0.79
CA ASN B 240 -24.27 14.03 -1.44
C ASN B 240 -23.99 12.92 -2.45
N SER B 241 -24.38 11.69 -2.12
CA SER B 241 -24.12 10.56 -3.01
C SER B 241 -24.85 10.70 -4.33
N LEU B 242 -25.91 11.51 -4.40
CA LEU B 242 -26.68 11.72 -5.62
C LEU B 242 -26.32 13.01 -6.36
N LEU B 243 -25.33 13.77 -5.87
CA LEU B 243 -24.97 15.04 -6.48
C LEU B 243 -24.79 14.94 -7.99
N PHE B 244 -24.17 13.84 -8.46
CA PHE B 244 -23.83 13.71 -9.86
C PHE B 244 -24.85 12.92 -10.67
N SER B 245 -25.96 12.51 -10.07
CA SER B 245 -26.86 11.59 -10.76
C SER B 245 -28.31 12.06 -10.77
N ASN B 246 -28.81 12.53 -9.63
CA ASN B 246 -30.26 12.69 -9.43
C ASN B 246 -30.53 13.97 -8.66
N TYR B 247 -30.71 15.06 -9.41
CA TYR B 247 -30.92 16.37 -8.82
C TYR B 247 -32.09 16.37 -7.85
N GLU B 248 -33.23 15.81 -8.25
CA GLU B 248 -34.43 15.96 -7.43
C GLU B 248 -34.34 15.12 -6.16
N LEU B 249 -33.79 13.91 -6.25
CA LEU B 249 -33.65 13.08 -5.06
C LEU B 249 -32.56 13.62 -4.15
N ALA B 250 -31.53 14.23 -4.71
CA ALA B 250 -30.52 14.85 -3.85
C ALA B 250 -31.15 16.02 -3.10
N GLN B 251 -31.88 16.87 -3.81
CA GLN B 251 -32.56 17.99 -3.18
C GLN B 251 -33.50 17.50 -2.09
N GLU B 252 -34.27 16.44 -2.39
CA GLU B 252 -35.25 15.91 -1.43
C GLU B 252 -34.59 15.49 -0.13
N ASN B 253 -33.42 14.83 -0.21
CA ASN B 253 -32.72 14.40 0.99
C ASN B 253 -32.14 15.59 1.76
N PHE B 254 -31.58 16.58 1.05
CA PHE B 254 -31.11 17.79 1.73
C PHE B 254 -32.27 18.53 2.39
N LEU B 255 -33.43 18.60 1.74
CA LEU B 255 -34.55 19.32 2.32
C LEU B 255 -35.12 18.59 3.52
N LYS B 256 -35.13 17.26 3.48
CA LYS B 256 -35.56 16.48 4.64
C LYS B 256 -34.62 16.74 5.81
N GLY B 257 -33.31 16.67 5.55
CA GLY B 257 -32.34 17.05 6.57
C GLY B 257 -32.59 18.44 7.13
N LEU B 258 -32.85 19.40 6.24
CA LEU B 258 -33.19 20.74 6.68
C LEU B 258 -34.41 20.72 7.61
N SER B 259 -35.43 19.93 7.25
CA SER B 259 -36.65 19.91 8.05
C SER B 259 -36.40 19.44 9.48
N ILE B 260 -35.46 18.52 9.70
CA ILE B 260 -35.26 18.03 11.06
C ILE B 260 -34.25 18.87 11.85
N SER B 261 -33.59 19.85 11.22
CA SER B 261 -32.61 20.63 11.98
C SER B 261 -32.95 22.10 12.01
N VAL B 262 -34.24 22.43 11.87
CA VAL B 262 -34.72 23.82 11.81
C VAL B 262 -34.12 24.66 12.93
N GLN B 263 -34.03 24.10 14.13
CA GLN B 263 -33.61 24.86 15.29
C GLN B 263 -32.20 24.48 15.75
N ASN B 264 -31.36 24.07 14.81
CA ASN B 264 -29.93 23.86 15.05
C ASN B 264 -29.18 24.64 13.98
N GLU B 265 -28.58 25.76 14.39
CA GLU B 265 -28.03 26.71 13.44
C GLU B 265 -26.93 26.09 12.59
N ASN B 266 -26.08 25.24 13.19
CA ASN B 266 -24.98 24.64 12.44
C ASN B 266 -25.48 23.63 11.45
N TYR B 267 -26.41 22.75 11.87
CA TYR B 267 -26.96 21.77 10.94
C TYR B 267 -27.69 22.46 9.80
N ASN B 268 -28.46 23.50 10.13
CA ASN B 268 -29.18 24.24 9.10
C ASN B 268 -28.22 24.75 8.03
N MET B 269 -27.14 25.40 8.46
CA MET B 269 -26.17 25.92 7.52
C MET B 269 -25.60 24.79 6.65
N ILE B 270 -25.36 23.62 7.25
CA ILE B 270 -24.80 22.50 6.51
C ILE B 270 -25.68 22.12 5.33
N PHE B 271 -26.99 21.99 5.56
CA PHE B 271 -27.87 21.64 4.46
C PHE B 271 -27.99 22.79 3.45
N GLN B 272 -27.94 24.05 3.92
CA GLN B 272 -27.89 25.18 2.99
C GLN B 272 -26.67 25.09 2.08
N GLN B 273 -25.52 24.72 2.63
CA GLN B 273 -24.31 24.63 1.83
C GLN B 273 -24.37 23.45 0.86
N ALA B 274 -24.99 22.35 1.27
CA ALA B 274 -25.09 21.19 0.39
C ALA B 274 -26.02 21.48 -0.79
N LEU B 275 -27.10 22.22 -0.54
CA LEU B 275 -28.01 22.63 -1.61
C LEU B 275 -27.37 23.65 -2.52
N CYS B 276 -26.58 24.57 -1.95
CA CYS B 276 -25.84 25.52 -2.75
C CYS B 276 -24.90 24.80 -3.70
N PHE B 277 -24.17 23.81 -3.19
CA PHE B 277 -23.24 23.07 -4.03
C PHE B 277 -24.01 22.25 -5.08
N LEU B 278 -25.09 21.57 -4.66
CA LEU B 278 -25.92 20.86 -5.61
C LEU B 278 -26.32 21.74 -6.80
N ASN B 279 -26.82 22.95 -6.52
CA ASN B 279 -27.29 23.77 -7.64
C ASN B 279 -26.15 24.27 -8.53
N ASN B 280 -24.94 24.42 -7.98
CA ASN B 280 -23.81 24.78 -8.82
C ASN B 280 -23.32 23.61 -9.68
N VAL B 281 -23.39 22.37 -9.15
CA VAL B 281 -22.99 21.20 -9.94
C VAL B 281 -23.87 21.06 -11.18
N TRP B 282 -25.16 21.33 -11.02
CA TRP B 282 -26.11 21.22 -12.11
C TRP B 282 -26.28 22.55 -12.84
N ARG B 283 -25.56 23.61 -12.44
CA ARG B 283 -25.52 24.86 -13.18
C ARG B 283 -26.91 25.46 -13.35
N LYS B 284 -27.71 25.40 -12.27
CA LYS B 284 -28.99 26.08 -12.19
C LYS B 284 -28.84 27.37 -11.41
N GLU B 285 -29.87 28.21 -11.51
CA GLU B 285 -30.01 29.34 -10.60
C GLU B 285 -29.87 28.88 -9.15
N ASN B 286 -29.09 29.64 -8.39
CA ASN B 286 -28.64 29.21 -7.07
C ASN B 286 -29.14 30.24 -6.08
N LYS B 287 -30.23 29.94 -5.37
CA LYS B 287 -30.72 30.90 -4.38
C LYS B 287 -30.20 30.59 -2.98
N TRP B 288 -29.23 29.69 -2.85
CA TRP B 288 -28.68 29.27 -1.57
C TRP B 288 -27.33 29.91 -1.27
N ILE B 289 -26.81 30.74 -2.18
CA ILE B 289 -25.45 31.29 -2.06
C ILE B 289 -25.37 32.28 -0.91
N ASN B 290 -24.31 32.18 -0.10
CA ASN B 290 -24.06 33.14 0.95
C ASN B 290 -23.09 34.21 0.45
N PHE B 291 -23.63 35.37 0.06
CA PHE B 291 -22.80 36.48 -0.36
C PHE B 291 -22.21 37.30 0.79
N GLU B 292 -22.45 36.91 2.04
CA GLU B 292 -21.91 37.69 3.16
C GLU B 292 -20.96 36.82 3.99
N SER B 293 -20.00 36.19 3.34
CA SER B 293 -19.21 35.16 3.99
C SER B 293 -17.78 35.24 3.45
N ASP B 294 -16.81 34.96 4.32
CA ASP B 294 -15.44 34.81 3.85
C ASP B 294 -14.90 33.41 4.14
N SER B 295 -15.77 32.43 4.40
CA SER B 295 -15.30 31.06 4.43
C SER B 295 -15.02 30.56 3.01
N ILE B 296 -13.98 29.72 2.89
CA ILE B 296 -13.56 29.18 1.62
C ILE B 296 -14.74 28.62 0.85
N MET B 297 -15.49 27.72 1.49
CA MET B 297 -16.56 26.97 0.83
C MET B 297 -17.63 27.91 0.26
N ASP B 298 -18.09 28.88 1.05
CA ASP B 298 -19.09 29.84 0.57
C ASP B 298 -18.56 30.64 -0.62
N LEU B 299 -17.32 31.13 -0.53
CA LEU B 299 -16.75 31.92 -1.62
C LEU B 299 -16.58 31.07 -2.88
N GLN B 300 -16.14 29.83 -2.73
CA GLN B 300 -16.02 28.94 -3.89
C GLN B 300 -17.33 28.81 -4.62
N GLU B 301 -18.44 28.69 -3.86
CA GLU B 301 -19.75 28.57 -4.48
C GLU B 301 -20.15 29.84 -5.22
N GLN B 302 -19.82 31.02 -4.68
CA GLN B 302 -20.00 32.25 -5.45
C GLN B 302 -19.28 32.16 -6.80
N ALA B 303 -17.99 31.82 -6.76
CA ALA B 303 -17.21 31.78 -7.99
C ALA B 303 -17.75 30.71 -8.93
N HIS B 304 -18.15 29.57 -8.38
CA HIS B 304 -18.70 28.50 -9.21
C HIS B 304 -19.95 28.97 -9.94
N CYS B 305 -20.84 29.67 -9.24
CA CYS B 305 -22.06 30.18 -9.88
C CYS B 305 -21.76 31.26 -10.93
N PHE B 306 -20.91 32.23 -10.61
CA PHE B 306 -20.49 33.23 -11.61
C PHE B 306 -19.92 32.57 -12.86
N ILE B 307 -18.97 31.65 -12.68
CA ILE B 307 -18.43 30.91 -13.82
C ILE B 307 -19.56 30.23 -14.60
N ASN B 308 -20.51 29.62 -13.89
CA ASN B 308 -21.63 28.98 -14.57
C ASN B 308 -22.40 29.96 -15.43
N PHE B 309 -22.53 31.22 -14.99
CA PHE B 309 -23.40 32.14 -15.70
C PHE B 309 -22.60 33.19 -16.47
N ASN B 310 -21.39 32.83 -16.91
CA ASN B 310 -20.56 33.67 -17.78
C ASN B 310 -20.27 35.02 -17.16
N GLU B 311 -20.24 35.09 -15.84
CA GLU B 311 -19.92 36.33 -15.14
C GLU B 311 -18.48 36.29 -14.65
N ASN B 312 -17.58 36.25 -15.64
CA ASN B 312 -16.19 35.90 -15.41
C ASN B 312 -15.43 37.00 -14.67
N SER B 313 -15.85 38.26 -14.76
CA SER B 313 -15.16 39.30 -14.01
C SER B 313 -15.50 39.23 -12.52
N LYS B 314 -16.80 39.10 -12.18
CA LYS B 314 -17.16 38.83 -10.79
C LYS B 314 -16.51 37.55 -10.28
N ALA B 315 -16.45 36.52 -11.13
CA ALA B 315 -15.80 35.27 -10.76
C ALA B 315 -14.32 35.49 -10.42
N LYS B 316 -13.61 36.23 -11.29
CA LYS B 316 -12.21 36.56 -11.00
C LYS B 316 -12.09 37.39 -9.73
N GLU B 317 -13.04 38.31 -9.49
CA GLU B 317 -13.02 39.06 -8.23
C GLU B 317 -13.11 38.11 -7.04
N VAL B 318 -14.00 37.12 -7.10
CA VAL B 318 -14.12 36.21 -5.97
C VAL B 318 -12.86 35.37 -5.84
N LEU B 319 -12.29 34.91 -6.96
CA LEU B 319 -11.08 34.11 -6.87
C LEU B 319 -9.89 34.97 -6.42
N ASP B 320 -9.89 36.25 -6.78
CA ASP B 320 -8.93 37.16 -6.18
C ASP B 320 -9.04 37.15 -4.65
N LYS B 321 -10.27 37.19 -4.12
CA LYS B 321 -10.44 37.10 -2.67
C LYS B 321 -9.89 35.77 -2.14
N LEU B 322 -10.16 34.67 -2.85
CA LEU B 322 -9.70 33.35 -2.40
C LEU B 322 -8.20 33.21 -2.44
N ASP B 323 -7.53 33.87 -3.40
CA ASP B 323 -6.07 33.80 -3.47
C ASP B 323 -5.42 34.31 -2.19
N LEU B 324 -6.08 35.24 -1.48
CA LEU B 324 -5.56 35.78 -0.23
C LEU B 324 -6.10 35.04 1.00
N LEU B 325 -6.50 33.78 0.85
CA LEU B 325 -6.97 32.97 1.97
C LEU B 325 -6.28 31.62 1.92
N VAL B 326 -5.97 31.08 3.09
CA VAL B 326 -5.15 29.87 3.19
C VAL B 326 -6.03 28.65 2.99
N HIS B 327 -5.67 27.81 2.02
CA HIS B 327 -6.44 26.62 1.67
C HIS B 327 -5.73 25.36 2.15
N ASN B 328 -6.53 24.37 2.58
CA ASN B 328 -6.01 23.03 2.83
C ASN B 328 -6.00 22.22 1.52
N ASP B 329 -5.89 20.89 1.61
CA ASP B 329 -5.67 20.07 0.42
C ASP B 329 -6.94 19.97 -0.44
N ASN B 330 -8.02 19.47 0.14
CA ASN B 330 -9.27 19.35 -0.63
C ASN B 330 -9.74 20.72 -1.12
N GLU B 331 -9.56 21.77 -0.29
CA GLU B 331 -9.99 23.10 -0.69
C GLU B 331 -9.23 23.56 -1.92
N LEU B 332 -7.93 23.26 -1.94
CA LEU B 332 -7.08 23.63 -3.08
C LEU B 332 -7.52 22.89 -4.33
N ALA B 333 -7.94 21.63 -4.18
CA ALA B 333 -8.44 20.88 -5.33
C ALA B 333 -9.60 21.62 -6.01
N MET B 334 -10.58 22.07 -5.20
CA MET B 334 -11.71 22.84 -5.73
C MET B 334 -11.25 24.14 -6.36
N HIS B 335 -10.34 24.86 -5.68
CA HIS B 335 -9.81 26.11 -6.20
C HIS B 335 -9.26 25.94 -7.62
N TYR B 336 -8.41 24.94 -7.84
CA TYR B 336 -7.84 24.74 -9.18
C TYR B 336 -8.92 24.36 -10.20
N TYR B 337 -9.93 23.59 -9.75
CA TYR B 337 -11.06 23.29 -10.62
C TYR B 337 -11.74 24.58 -11.06
N LEU B 338 -11.92 25.52 -10.13
CA LEU B 338 -12.59 26.78 -10.49
C LEU B 338 -11.71 27.59 -11.44
N LYS B 339 -10.42 27.70 -11.13
CA LYS B 339 -9.48 28.41 -12.02
C LYS B 339 -9.44 27.76 -13.40
N GLY B 340 -9.36 26.43 -13.45
CA GLY B 340 -9.34 25.75 -14.73
C GLY B 340 -10.58 26.03 -15.56
N ARG B 341 -11.72 26.13 -14.91
CA ARG B 341 -12.92 26.46 -15.67
C ARG B 341 -12.94 27.94 -16.06
N LEU B 342 -12.55 28.84 -15.15
CA LEU B 342 -12.48 30.26 -15.47
C LEU B 342 -11.50 30.53 -16.64
N GLU B 343 -10.27 30.04 -16.54
CA GLU B 343 -9.27 30.27 -17.57
C GLU B 343 -9.35 29.27 -18.73
N GLN B 344 -10.18 28.23 -18.63
CA GLN B 344 -10.23 27.16 -19.67
C GLN B 344 -8.81 26.63 -19.90
N ASN B 345 -8.14 26.18 -18.86
CA ASN B 345 -6.74 25.78 -18.94
C ASN B 345 -6.57 24.39 -18.34
N LYS B 346 -6.08 23.44 -19.15
CA LYS B 346 -5.97 22.05 -18.71
C LYS B 346 -5.04 21.90 -17.53
N ALA B 347 -4.07 22.80 -17.40
CA ALA B 347 -3.04 22.62 -16.39
C ALA B 347 -3.60 22.76 -15.00
N CYS B 348 -4.51 23.73 -14.80
CA CYS B 348 -5.11 23.91 -13.48
C CYS B 348 -6.02 22.71 -13.14
N PHE B 349 -6.57 22.02 -14.16
CA PHE B 349 -7.31 20.78 -13.88
C PHE B 349 -6.39 19.64 -13.45
N TYR B 350 -5.14 19.59 -13.95
CA TYR B 350 -4.23 18.56 -13.46
C TYR B 350 -3.82 18.83 -12.02
N SER B 351 -3.65 20.11 -11.67
CA SER B 351 -3.40 20.46 -10.26
C SER B 351 -4.61 20.13 -9.40
N SER B 352 -5.81 20.44 -9.89
CA SER B 352 -7.00 19.99 -9.17
C SER B 352 -6.95 18.50 -8.89
N ILE B 353 -6.62 17.69 -9.92
CA ILE B 353 -6.53 16.24 -9.74
C ILE B 353 -5.45 15.87 -8.75
N GLU B 354 -4.26 16.48 -8.87
CA GLU B 354 -3.19 16.23 -7.90
C GLU B 354 -3.72 16.32 -6.47
N TYR B 355 -4.41 17.41 -6.14
CA TYR B 355 -4.84 17.56 -4.75
C TYR B 355 -6.03 16.68 -4.39
N PHE B 356 -6.91 16.33 -5.35
CA PHE B 356 -7.93 15.33 -5.03
C PHE B 356 -7.31 13.97 -4.76
N LYS B 357 -6.25 13.62 -5.50
CA LYS B 357 -5.55 12.37 -5.21
C LYS B 357 -4.85 12.42 -3.85
N LYS B 358 -4.24 13.57 -3.51
CA LYS B 358 -3.61 13.74 -2.20
C LYS B 358 -4.59 13.49 -1.04
N SER B 359 -5.85 13.85 -1.20
CA SER B 359 -6.82 13.68 -0.11
C SER B 359 -7.66 12.41 -0.24
N ASN B 360 -7.35 11.57 -1.23
CA ASN B 360 -8.04 10.30 -1.45
C ASN B 360 -9.56 10.52 -1.58
N ASP B 361 -9.90 11.53 -2.37
CA ASP B 361 -11.29 11.87 -2.69
C ASP B 361 -11.56 11.36 -4.10
N LYS B 362 -12.18 10.18 -4.19
CA LYS B 362 -12.48 9.59 -5.47
C LYS B 362 -13.86 9.97 -5.97
N PHE B 363 -14.54 10.84 -5.23
CA PHE B 363 -15.89 11.29 -5.58
C PHE B 363 -15.85 12.63 -6.31
N LEU B 364 -15.35 13.67 -5.64
CA LEU B 364 -15.29 15.00 -6.20
C LEU B 364 -14.29 15.12 -7.34
N ILE B 365 -13.33 14.19 -7.44
CA ILE B 365 -12.40 14.20 -8.56
C ILE B 365 -13.13 14.06 -9.91
N ARG B 366 -14.36 13.57 -9.92
CA ARG B 366 -15.11 13.48 -11.17
C ARG B 366 -15.36 14.85 -11.82
N LEU B 367 -15.20 15.94 -11.08
CA LEU B 367 -15.41 17.26 -11.65
C LEU B 367 -14.29 17.67 -12.60
N PRO B 368 -13.01 17.72 -12.19
CA PRO B 368 -11.95 18.00 -13.17
C PRO B 368 -11.84 16.96 -14.28
N LEU B 369 -12.05 15.67 -13.96
CA LEU B 369 -12.00 14.65 -15.00
C LEU B 369 -12.99 14.95 -16.12
N LEU B 370 -14.23 15.27 -15.77
CA LEU B 370 -15.22 15.65 -16.77
C LEU B 370 -14.74 16.84 -17.62
N GLU B 371 -14.20 17.89 -16.98
CA GLU B 371 -13.77 19.04 -17.77
C GLU B 371 -12.62 18.67 -18.69
N LEU B 372 -11.67 17.88 -18.20
CA LEU B 372 -10.57 17.43 -19.04
C LEU B 372 -11.10 16.67 -20.25
N GLN B 373 -12.07 15.80 -20.04
CA GLN B 373 -12.69 15.08 -21.15
C GLN B 373 -13.31 16.05 -22.16
N LYS B 374 -14.05 17.04 -21.66
CA LYS B 374 -14.68 18.04 -22.52
C LYS B 374 -13.65 18.79 -23.37
N MET B 375 -12.44 18.98 -22.84
CA MET B 375 -11.39 19.63 -23.61
C MET B 375 -10.61 18.64 -24.47
N GLY B 376 -11.17 17.46 -24.72
CA GLY B 376 -10.59 16.53 -25.66
C GLY B 376 -9.39 15.75 -25.16
N GLU B 377 -9.30 15.51 -23.85
CA GLU B 377 -8.20 14.73 -23.29
C GLU B 377 -8.29 13.27 -23.73
N ASN B 378 -7.13 12.66 -23.93
CA ASN B 378 -7.10 11.29 -24.43
C ASN B 378 -7.80 10.35 -23.46
N GLN B 379 -8.52 9.37 -24.02
CA GLN B 379 -9.31 8.51 -23.16
C GLN B 379 -8.43 7.60 -22.32
N LYS B 380 -7.31 7.12 -22.86
CA LYS B 380 -6.43 6.25 -22.08
C LYS B 380 -5.71 7.03 -20.98
N LEU B 381 -5.38 8.29 -21.23
CA LEU B 381 -4.88 9.17 -20.17
C LEU B 381 -5.88 9.25 -19.03
N LEU B 382 -7.16 9.46 -19.36
CA LEU B 382 -8.20 9.63 -18.35
C LEU B 382 -8.31 8.39 -17.47
N GLU B 383 -8.39 7.21 -18.09
CA GLU B 383 -8.34 5.96 -17.34
C GLU B 383 -7.11 5.91 -16.45
N LEU B 384 -5.96 6.30 -16.99
CA LEU B 384 -4.74 6.29 -16.20
C LEU B 384 -4.89 7.20 -14.98
N LEU B 385 -5.35 8.43 -15.19
CA LEU B 385 -5.62 9.30 -14.06
C LEU B 385 -6.66 8.69 -13.11
N LEU B 386 -7.62 7.92 -13.63
CA LEU B 386 -8.59 7.25 -12.78
C LEU B 386 -7.95 6.18 -11.90
N LEU B 387 -7.05 5.38 -12.47
CA LEU B 387 -6.57 4.18 -11.79
C LEU B 387 -5.41 4.48 -10.84
N LEU B 388 -4.56 5.44 -11.18
CA LEU B 388 -3.34 5.67 -10.40
C LEU B 388 -3.64 6.38 -9.08
N GLU B 389 -2.85 6.04 -8.05
CA GLU B 389 -3.10 6.46 -6.67
C GLU B 389 -1.88 7.23 -6.15
N HIS B 390 -2.08 7.99 -5.07
CA HIS B 390 -1.02 8.88 -4.57
C HIS B 390 -0.07 8.19 -3.58
N HIS B 391 -0.60 7.49 -2.57
CA HIS B 391 0.20 6.99 -1.42
C HIS B 391 0.97 8.12 -0.72
#